data_6ANI
#
_entry.id   6ANI
#
_cell.length_a   182.390
_cell.length_b   48.301
_cell.length_c   128.547
_cell.angle_alpha   90.00
_cell.angle_beta   104.07
_cell.angle_gamma   90.00
#
_symmetry.space_group_name_H-M   'C 1 2 1'
#
loop_
_entity.id
_entity.type
_entity.pdbx_description
1 polymer 'Anti-Kappa VHH domain'
2 polymer 'Coltuximab Fab heavy chain'
3 polymer 'Coltuximab Fab light chain'
4 non-polymer GLYCEROL
5 water water
#
loop_
_entity_poly.entity_id
_entity_poly.type
_entity_poly.pdbx_seq_one_letter_code
_entity_poly.pdbx_strand_id
1 'polypeptide(L)'
;(UNK)(UNK)(UNK)(UNK)(UNK)(UNK)(UNK)(UNK)(UNK)(UNK)(UNK)(UNK)(UNK)(UNK)(UNK)(UNK)
(UNK)(UNK)(UNK)(UNK)(UNK)(UNK)(UNK)(UNK)(UNK)(UNK)(UNK)(UNK)(UNK)(UNK)(UNK)(UNK)
(UNK)(UNK)(UNK)(UNK)(UNK)(UNK)(UNK)(UNK)(UNK)(UNK)(UNK)(UNK)(UNK)(UNK)(UNK)(UNK)
(UNK)(UNK)(UNK)(UNK)(UNK)(UNK)(UNK)(UNK)(UNK)(UNK)(UNK)(UNK)(UNK)(UNK)(UNK)(UNK)
(UNK)(UNK)(UNK)(UNK)(UNK)(UNK)(UNK)(UNK)(UNK)(UNK)(UNK)(UNK)(UNK)(UNK)(UNK)(UNK)
(UNK)(UNK)(UNK)(UNK)(UNK)(UNK)(UNK)(UNK)(UNK)(UNK)(UNK)(UNK)(UNK)(UNK)(UNK)(UNK)
(UNK)(UNK)(UNK)(UNK)(UNK)(UNK)(UNK)(UNK)(UNK)(UNK)(UNK)(UNK)(UNK)(UNK)(UNK)(UNK)
(UNK)(UNK)(UNK)(UNK)(UNK)(UNK)(UNK)(UNK)(UNK)
;
A,K
2 'polypeptide(L)'
;QVQLVQPGAEVVKPGASVKLSCKTSGYTFTSNWMHWVKQAPGQGLEWIGEIDPSDSYTNYNQNFQGKAKLTVDKSTSTAY
MEVSSLRSDDTAVYYCARGSNPYYYAMDYWGQGTSVTVSSASTKGPSVFPLAPSSKSTSGGTAALGCLVKDYFPEPVTVS
WNSGALTSGVHTFPAVLQSSGLYSLSSVVTVPSSSLGTQTYICNVNHKPSNTKVDKKVEPKSC
;
H,I
3 'polypeptide(L)'
;EIVLTQSPAIMSASPGERVTMTCSASSGVNYMHWYQQKPGTSPRRWIYDTSKLASGVPARFSGSGSGTDYSLTISSMEPE
DAATYYCHQRGSYTFGGGTKLEIKRTVAAPSVFIFPPSDEQLKSGTASVVCLLNNFYPREAKVQWKVDNALQSGNSQESV
TEQDSKDSTYSLSSTLTLSKADYEKHKVYACEVTHQGLSSPVTKSFNRGEC
;
L,M
#
loop_
_chem_comp.id
_chem_comp.type
_chem_comp.name
_chem_comp.formula
GOL non-polymer GLYCEROL 'C3 H8 O3'
#
# COMPACT_ATOMS: atom_id res chain seq x y z
N UNK A 1 6.38 32.37 -7.05
CA UNK A 1 6.48 33.06 -8.32
C UNK A 1 7.78 32.70 -9.04
N UNK A 2 7.83 31.47 -9.56
CA UNK A 2 9.02 30.97 -10.25
C UNK A 2 9.31 31.81 -11.49
N UNK A 3 10.57 32.19 -11.66
CA UNK A 3 10.98 33.00 -12.80
C UNK A 3 12.35 32.57 -13.29
N UNK A 4 12.49 32.45 -14.61
CA UNK A 4 13.76 32.07 -15.22
C UNK A 4 14.27 33.20 -16.11
N UNK A 5 15.59 33.32 -16.21
CA UNK A 5 16.18 34.42 -16.97
C UNK A 5 17.35 33.97 -17.82
N UNK A 6 17.15 33.96 -19.14
CA UNK A 6 18.21 33.62 -20.07
C UNK A 6 19.29 34.70 -20.05
N UNK A 7 20.50 34.36 -20.51
CA UNK A 7 21.59 35.33 -20.51
C UNK A 7 22.69 34.95 -21.50
N UNK A 8 23.75 35.76 -21.53
CA UNK A 8 24.90 35.56 -22.41
C UNK A 8 24.54 35.57 -23.90
N UNK A 9 23.66 36.49 -24.28
CA UNK A 9 23.27 36.66 -25.68
C UNK A 9 24.18 37.66 -26.40
N UNK A 10 24.66 37.29 -27.58
CA UNK A 10 25.54 38.15 -28.36
C UNK A 10 25.56 37.74 -29.81
N UNK A 11 26.06 38.64 -30.67
CA UNK A 11 26.24 38.35 -32.08
C UNK A 11 27.66 37.83 -32.33
N UNK A 12 27.78 36.73 -33.05
CA UNK A 12 29.08 36.15 -33.34
C UNK A 12 29.29 35.95 -34.84
N UNK A 13 30.43 35.38 -35.19
CA UNK A 13 30.79 35.17 -36.59
C UNK A 13 30.52 33.72 -37.01
N UNK A 14 31.04 33.35 -38.16
CA UNK A 14 30.82 32.02 -38.72
C UNK A 14 31.72 30.97 -38.08
N UNK A 15 32.34 31.32 -36.96
CA UNK A 15 33.13 30.38 -36.18
C UNK A 15 32.39 30.11 -34.86
N UNK A 16 32.48 31.09 -33.96
CA UNK A 16 31.66 31.15 -32.75
C UNK A 16 31.90 30.04 -31.72
N UNK A 17 31.57 30.36 -30.47
CA UNK A 17 31.67 29.45 -29.33
C UNK A 17 31.11 30.14 -28.09
N UNK A 18 29.79 30.22 -28.00
CA UNK A 18 29.13 30.93 -26.91
C UNK A 18 28.56 29.98 -25.86
N UNK A 19 28.28 30.51 -24.67
CA UNK A 19 27.72 29.72 -23.58
C UNK A 19 26.64 30.47 -22.83
N UNK A 20 25.38 30.12 -23.09
CA UNK A 20 24.25 30.79 -22.47
C UNK A 20 23.94 30.19 -21.10
N UNK A 21 23.26 30.96 -20.26
CA UNK A 21 22.92 30.51 -18.92
C UNK A 21 21.43 30.76 -18.64
N UNK A 22 20.87 29.98 -17.73
CA UNK A 22 19.47 30.16 -17.35
C UNK A 22 19.36 30.14 -15.83
N UNK A 23 19.17 31.31 -15.25
CA UNK A 23 19.08 31.44 -13.80
C UNK A 23 17.63 31.37 -13.34
N UNK A 24 17.32 30.35 -12.55
CA UNK A 24 15.97 30.18 -12.01
C UNK A 24 15.84 30.88 -10.66
N UNK A 25 14.60 31.15 -10.26
CA UNK A 25 14.34 31.79 -8.98
C UNK A 25 13.01 31.31 -8.41
N UNK A 26 12.84 31.49 -7.10
CA UNK A 26 11.61 31.12 -6.38
C UNK A 26 11.27 29.63 -6.44
N UNK A 27 12.22 28.81 -6.90
CA UNK A 27 12.04 27.37 -6.97
C UNK A 27 13.36 26.68 -7.28
N UNK A 28 13.66 25.63 -6.53
CA UNK A 28 14.85 24.81 -6.79
C UNK A 28 14.61 23.95 -8.03
N UNK A 29 15.55 23.99 -8.96
CA UNK A 29 15.40 23.26 -10.22
C UNK A 29 15.90 21.83 -10.10
N UNK A 30 16.01 21.33 -8.87
CA UNK A 30 16.57 20.02 -8.63
C UNK A 30 15.64 18.91 -9.12
N UNK A 31 14.40 18.94 -8.65
CA UNK A 31 13.45 17.88 -8.97
C UNK A 31 12.64 18.20 -10.22
N UNK A 32 13.27 18.82 -11.21
CA UNK A 32 12.59 19.17 -12.45
C UNK A 32 13.58 19.29 -13.61
N UNK A 33 13.17 18.81 -14.79
CA UNK A 33 14.03 18.88 -15.97
C UNK A 33 13.99 20.28 -16.57
N UNK A 34 15.06 20.67 -17.24
CA UNK A 34 15.15 22.00 -17.83
C UNK A 34 15.51 21.90 -19.30
N UNK A 35 14.68 22.51 -20.15
CA UNK A 35 14.88 22.40 -21.60
C UNK A 35 15.25 23.74 -22.23
N UNK A 36 15.93 23.68 -23.36
CA UNK A 36 16.28 24.89 -24.10
C UNK A 36 15.72 24.83 -25.52
N UNK A 37 14.88 25.80 -25.86
CA UNK A 37 14.26 25.83 -27.18
C UNK A 37 14.76 27.02 -28.00
N UNK A 38 14.69 26.90 -29.32
CA UNK A 38 15.10 27.96 -30.23
C UNK A 38 13.93 28.40 -31.11
N UNK A 39 13.77 29.71 -31.26
CA UNK A 39 12.68 30.26 -32.07
C UNK A 39 13.11 31.52 -32.82
N UNK A 40 13.45 31.36 -34.11
CA UNK A 40 13.72 32.50 -34.97
C UNK A 40 12.40 33.16 -35.37
N UNK A 41 12.46 34.44 -35.73
CA UNK A 41 11.26 35.19 -36.10
C UNK A 41 10.57 34.59 -37.32
N UNK A 42 9.23 34.57 -37.28
CA UNK A 42 8.39 34.00 -38.33
C UNK A 42 8.53 32.48 -38.45
N UNK A 43 9.48 31.91 -37.72
CA UNK A 43 9.71 30.47 -37.73
C UNK A 43 9.10 29.83 -36.49
N UNK A 44 9.31 28.51 -36.35
CA UNK A 44 8.71 27.78 -35.24
C UNK A 44 9.65 27.75 -34.03
N UNK A 45 9.10 27.39 -32.88
CA UNK A 45 9.91 27.20 -31.68
C UNK A 45 10.48 25.78 -31.67
N UNK A 46 11.69 25.63 -32.18
CA UNK A 46 12.36 24.33 -32.26
C UNK A 46 12.90 23.90 -30.91
N UNK A 47 12.97 22.59 -30.69
CA UNK A 47 13.63 22.06 -29.51
C UNK A 47 15.12 21.97 -29.80
N UNK A 48 15.94 22.33 -28.82
CA UNK A 48 17.39 22.26 -29.01
C UNK A 48 17.99 21.14 -28.16
N UNK A 49 17.68 21.16 -26.86
CA UNK A 49 18.26 20.19 -25.94
C UNK A 49 17.47 20.15 -24.63
N UNK A 50 17.61 19.04 -23.92
CA UNK A 50 16.98 18.88 -22.61
C UNK A 50 17.99 18.39 -21.58
N UNK A 51 17.80 18.80 -20.34
CA UNK A 51 18.61 18.28 -19.24
C UNK A 51 17.69 17.85 -18.11
N UNK A 52 17.58 16.54 -17.89
CA UNK A 52 16.72 16.01 -16.84
C UNK A 52 17.45 16.07 -15.50
N UNK A 53 16.95 15.33 -14.52
CA UNK A 53 17.58 15.30 -13.20
C UNK A 53 19.01 14.74 -13.33
N UNK A 54 19.81 14.92 -12.28
CA UNK A 54 21.20 14.47 -12.30
C UNK A 54 21.29 12.99 -12.64
N UNK A 55 22.18 12.66 -13.58
CA UNK A 55 22.43 11.29 -14.03
C UNK A 55 21.26 10.67 -14.80
N UNK A 56 20.28 11.49 -15.18
CA UNK A 56 19.17 11.01 -16.01
C UNK A 56 19.42 11.38 -17.47
N UNK A 57 20.67 11.71 -17.77
CA UNK A 57 21.14 11.99 -19.14
C UNK A 57 20.51 13.23 -19.76
N UNK A 58 20.91 13.50 -21.00
CA UNK A 58 20.45 14.68 -21.70
C UNK A 58 20.19 14.36 -23.17
N UNK A 59 19.08 14.84 -23.70
CA UNK A 59 18.73 14.59 -25.09
C UNK A 59 18.84 15.88 -25.91
N UNK A 60 19.26 15.73 -27.17
CA UNK A 60 19.49 16.86 -28.05
C UNK A 60 18.78 16.67 -29.39
N UNK A 61 18.65 17.76 -30.14
CA UNK A 61 17.94 17.71 -31.42
C UNK A 61 18.88 17.37 -32.57
N UNK A 62 18.31 17.07 -33.74
CA UNK A 62 19.09 16.66 -34.90
C UNK A 62 19.96 17.79 -35.44
N UNK A 63 19.48 19.02 -35.31
CA UNK A 63 20.18 20.18 -35.84
C UNK A 63 21.44 20.49 -35.02
N UNK A 64 21.36 20.27 -33.71
CA UNK A 64 22.49 20.53 -32.82
C UNK A 64 23.60 19.50 -33.03
N UNK A 65 23.19 18.26 -33.27
CA UNK A 65 24.13 17.16 -33.51
C UNK A 65 25.12 17.01 -32.35
N UNK A 66 26.40 17.09 -32.68
CA UNK A 66 27.45 17.00 -31.66
C UNK A 66 28.17 18.34 -31.54
N UNK A 67 27.48 19.42 -31.90
CA UNK A 67 28.08 20.75 -31.85
C UNK A 67 27.81 21.45 -30.52
N UNK A 68 26.62 21.23 -29.96
CA UNK A 68 26.24 21.88 -28.72
C UNK A 68 26.17 20.88 -27.57
N UNK A 69 26.20 21.39 -26.34
CA UNK A 69 26.15 20.54 -25.16
C UNK A 69 25.50 21.31 -24.00
N UNK A 70 24.63 20.62 -23.26
CA UNK A 70 23.90 21.25 -22.15
C UNK A 70 24.41 20.72 -20.82
N UNK A 71 24.42 21.60 -19.81
CA UNK A 71 24.91 21.22 -18.48
C UNK A 71 23.94 21.72 -17.41
N UNK A 72 24.24 21.41 -16.15
CA UNK A 72 23.40 21.85 -15.04
C UNK A 72 24.23 22.22 -13.81
N UNK A 73 23.58 22.84 -12.83
CA UNK A 73 24.22 23.21 -11.57
C UNK A 73 23.16 23.41 -10.49
N UNK A 74 22.76 22.31 -9.84
CA UNK A 74 21.65 22.32 -8.90
C UNK A 74 21.86 23.29 -7.75
N UNK A 75 23.12 23.56 -7.42
CA UNK A 75 23.48 24.47 -6.34
C UNK A 75 23.07 25.90 -6.66
N UNK A 76 23.64 26.44 -7.74
CA UNK A 76 23.31 27.79 -8.19
C UNK A 76 21.91 27.89 -8.77
N UNK A 77 21.24 26.74 -8.92
CA UNK A 77 19.93 26.66 -9.56
C UNK A 77 19.95 27.30 -10.95
N UNK A 78 21.02 27.04 -11.69
CA UNK A 78 21.20 27.61 -13.03
C UNK A 78 21.66 26.56 -14.04
N UNK A 79 20.95 26.46 -15.16
CA UNK A 79 21.34 25.55 -16.23
C UNK A 79 22.14 26.31 -17.29
N UNK A 80 22.77 25.58 -18.21
CA UNK A 80 23.60 26.21 -19.23
C UNK A 80 23.43 25.55 -20.59
N UNK A 81 24.13 26.08 -21.59
CA UNK A 81 24.08 25.54 -22.94
C UNK A 81 25.25 26.08 -23.75
N UNK A 82 26.29 25.27 -23.89
CA UNK A 82 27.48 25.65 -24.66
C UNK A 82 27.26 25.38 -26.14
N UNK A 83 27.22 26.45 -26.94
CA UNK A 83 26.95 26.33 -28.37
C UNK A 83 28.22 26.54 -29.20
N UNK A 84 29.10 25.54 -29.19
CA UNK A 84 30.35 25.63 -29.95
C UNK A 84 30.12 25.25 -31.42
N UNK A 85 31.05 25.67 -32.28
CA UNK A 85 30.98 25.40 -33.71
C UNK A 85 29.65 25.87 -34.32
N UNK A 86 29.20 27.04 -33.90
CA UNK A 86 27.92 27.60 -34.37
C UNK A 86 28.03 28.07 -35.81
N UNK A 87 26.92 27.99 -36.53
CA UNK A 87 26.88 28.41 -37.94
C UNK A 87 25.87 29.54 -38.13
N UNK A 88 25.61 29.91 -39.38
CA UNK A 88 24.71 31.02 -39.69
C UNK A 88 23.25 30.63 -39.53
N UNK A 89 22.96 29.34 -39.70
CA UNK A 89 21.59 28.84 -39.62
C UNK A 89 21.12 28.68 -38.17
N UNK A 90 22.01 28.93 -37.21
CA UNK A 90 21.66 28.81 -35.79
C UNK A 90 21.20 30.15 -35.24
N UNK A 91 21.19 31.18 -36.08
CA UNK A 91 20.78 32.52 -35.67
C UNK A 91 19.31 32.55 -35.27
N UNK A 92 19.05 32.64 -33.96
CA UNK A 92 17.68 32.72 -33.44
C UNK A 92 17.68 33.14 -31.97
N UNK A 93 16.48 33.33 -31.42
CA UNK A 93 16.35 33.62 -30.00
C UNK A 93 16.27 32.31 -29.23
N UNK A 94 17.14 32.15 -28.23
CA UNK A 94 17.16 30.94 -27.43
C UNK A 94 16.34 31.11 -26.15
N UNK A 95 15.35 30.25 -25.96
CA UNK A 95 14.49 30.28 -24.78
C UNK A 95 14.77 29.08 -23.87
N UNK A 96 14.55 29.27 -22.57
CA UNK A 96 14.75 28.21 -21.59
C UNK A 96 13.46 27.96 -20.81
N UNK A 97 13.09 26.70 -20.65
CA UNK A 97 11.84 26.36 -19.96
C UNK A 97 12.06 25.20 -19.00
N UNK A 98 11.03 24.92 -18.19
CA UNK A 98 11.14 23.90 -17.17
C UNK A 98 9.98 22.90 -17.25
N UNK A 99 10.30 21.61 -17.19
CA UNK A 99 9.29 20.57 -17.20
C UNK A 99 8.70 20.40 -15.81
N UNK A 100 7.44 20.83 -15.66
CA UNK A 100 6.78 20.83 -14.36
C UNK A 100 6.30 19.44 -13.93
N UNK A 101 6.64 18.42 -14.71
CA UNK A 101 6.30 17.05 -14.35
C UNK A 101 7.54 16.27 -13.92
N UNK A 102 7.45 15.57 -12.79
CA UNK A 102 8.52 14.73 -12.30
C UNK A 102 8.91 13.71 -13.36
N UNK A 103 7.91 13.03 -13.91
CA UNK A 103 8.10 12.21 -15.11
C UNK A 103 8.38 13.15 -16.27
N UNK A 104 9.22 12.73 -17.21
CA UNK A 104 9.68 13.64 -18.25
C UNK A 104 8.63 13.90 -19.35
N UNK A 105 7.38 14.16 -18.95
CA UNK A 105 6.32 14.47 -19.90
C UNK A 105 6.49 15.89 -20.44
N UNK A 106 7.19 16.70 -19.67
CA UNK A 106 7.48 18.10 -19.99
C UNK A 106 6.22 18.96 -20.08
N UNK A 107 5.67 19.30 -18.93
CA UNK A 107 4.54 20.21 -18.86
C UNK A 107 4.90 21.55 -19.50
N UNK A 108 6.12 22.02 -19.23
CA UNK A 108 6.65 23.26 -19.79
C UNK A 108 5.75 24.45 -19.45
N UNK A 109 5.61 24.71 -18.16
CA UNK A 109 4.75 25.80 -17.69
C UNK A 109 5.53 27.11 -17.60
N UNK A 110 6.70 27.07 -16.98
CA UNK A 110 7.50 28.28 -16.78
C UNK A 110 8.46 28.52 -17.93
N UNK A 111 8.30 29.68 -18.58
CA UNK A 111 9.15 30.04 -19.72
C UNK A 111 9.90 31.34 -19.43
N UNK A 112 11.13 31.43 -19.94
CA UNK A 112 11.99 32.58 -19.69
C UNK A 112 12.07 33.54 -20.88
N UNK A 113 12.25 34.82 -20.58
CA UNK A 113 12.53 35.80 -21.61
C UNK A 113 13.83 35.40 -22.32
N UNK A 114 13.74 35.23 -23.64
CA UNK A 114 14.82 34.61 -24.41
C UNK A 114 16.12 35.41 -24.45
N UNK A 115 17.07 34.86 -25.20
CA UNK A 115 18.37 35.49 -25.39
C UNK A 115 18.75 35.41 -26.87
N UNK A 116 18.95 36.56 -27.50
CA UNK A 116 19.19 36.59 -28.94
C UNK A 116 20.64 36.27 -29.29
N UNK A 117 20.82 35.15 -29.99
CA UNK A 117 22.13 34.80 -30.52
C UNK A 117 22.13 35.03 -32.03
N UNK A 118 23.16 35.69 -32.54
CA UNK A 118 23.26 36.00 -33.95
C UNK A 118 24.59 35.54 -34.53
N UNK A 119 24.56 35.01 -35.75
CA UNK A 119 25.76 34.55 -36.43
C UNK A 119 25.63 34.73 -37.94
N UNK B 1 -2.84 29.56 42.51
CA UNK B 1 -3.13 29.37 43.93
C UNK B 1 -4.51 28.76 44.14
N UNK B 2 -4.76 27.64 43.48
CA UNK B 2 -6.02 26.89 43.62
C UNK B 2 -6.12 26.28 45.03
N UNK B 3 -7.35 26.19 45.53
CA UNK B 3 -7.58 25.61 46.86
C UNK B 3 -8.88 24.83 46.90
N UNK B 4 -8.90 23.73 47.65
CA UNK B 4 -10.09 22.91 47.80
C UNK B 4 -10.45 22.77 49.28
N UNK B 5 -11.73 22.66 49.58
CA UNK B 5 -12.20 22.57 50.96
C UNK B 5 -13.41 21.65 51.09
N UNK B 6 -13.24 20.56 51.83
CA UNK B 6 -14.31 19.59 52.06
C UNK B 6 -15.13 20.00 53.28
N UNK B 7 -16.38 19.58 53.32
CA UNK B 7 -17.26 19.95 54.43
C UNK B 7 -18.41 18.98 54.60
N UNK B 8 -19.29 19.30 55.56
CA UNK B 8 -20.55 18.59 55.76
C UNK B 8 -20.39 17.16 56.22
N UNK B 9 -19.27 16.86 56.87
CA UNK B 9 -19.08 15.55 57.49
C UNK B 9 -19.58 15.58 58.93
N UNK B 10 -19.68 14.41 59.55
CA UNK B 10 -20.15 14.30 60.94
C UNK B 10 -20.10 12.87 61.46
N UNK B 11 -20.86 12.62 62.53
CA UNK B 11 -21.09 11.27 63.03
C UNK B 11 -22.49 10.82 62.65
N UNK B 12 -22.66 9.55 62.31
CA UNK B 12 -23.96 9.03 61.91
C UNK B 12 -24.13 7.58 62.36
N UNK B 13 -25.37 7.18 62.64
CA UNK B 13 -25.63 5.80 63.07
C UNK B 13 -25.58 4.90 61.85
N UNK B 14 -25.57 3.60 62.08
CA UNK B 14 -25.59 2.63 60.98
C UNK B 14 -26.79 2.88 60.07
N UNK B 15 -26.56 2.72 58.76
CA UNK B 15 -27.58 2.86 57.73
C UNK B 15 -28.11 4.29 57.58
N UNK B 16 -27.37 5.25 58.13
CA UNK B 16 -27.74 6.66 58.01
C UNK B 16 -27.16 7.24 56.72
N UNK B 17 -27.31 8.54 56.53
CA UNK B 17 -26.90 9.19 55.30
C UNK B 17 -26.21 10.53 55.56
N UNK B 18 -25.25 10.86 54.72
CA UNK B 18 -24.54 12.13 54.78
C UNK B 18 -24.19 12.59 53.38
N UNK B 19 -24.09 13.90 53.18
CA UNK B 19 -23.79 14.47 51.86
C UNK B 19 -22.59 15.41 51.96
N UNK B 20 -21.46 14.99 51.38
CA UNK B 20 -20.23 15.77 51.47
C UNK B 20 -20.11 16.74 50.31
N UNK B 21 -19.50 17.89 50.57
CA UNK B 21 -19.30 18.92 49.56
C UNK B 21 -17.81 19.26 49.47
N UNK B 22 -17.39 19.77 48.30
CA UNK B 22 -16.03 20.23 48.12
C UNK B 22 -16.04 21.49 47.29
N UNK B 23 -15.98 22.63 47.98
CA UNK B 23 -15.95 23.93 47.33
C UNK B 23 -14.53 24.23 46.88
N UNK B 24 -14.37 24.52 45.60
CA UNK B 24 -13.07 24.87 45.05
C UNK B 24 -12.97 26.38 44.91
N UNK B 25 -11.74 26.89 44.95
CA UNK B 25 -11.52 28.32 44.86
C UNK B 25 -10.28 28.61 44.01
N UNK B 26 -10.25 29.82 43.44
CA UNK B 26 -9.13 30.31 42.63
C UNK B 26 -8.98 29.60 41.28
N UNK B 27 -9.94 28.76 40.94
CA UNK B 27 -9.90 28.05 39.67
C UNK B 27 -11.27 27.47 39.33
N UNK B 28 -11.66 27.56 38.06
CA UNK B 28 -12.89 26.95 37.59
C UNK B 28 -12.70 25.44 37.52
N UNK B 29 -13.62 24.68 38.11
CA UNK B 29 -13.49 23.22 38.14
C UNK B 29 -14.13 22.56 36.91
N UNK B 30 -14.80 23.36 36.08
CA UNK B 30 -15.61 22.86 34.98
C UNK B 30 -14.85 22.02 33.96
N UNK B 31 -13.57 22.33 33.78
CA UNK B 31 -12.76 21.69 32.74
C UNK B 31 -11.98 20.49 33.26
N UNK B 32 -12.08 20.24 34.55
CA UNK B 32 -11.28 19.19 35.17
C UNK B 32 -12.17 18.21 35.95
N UNK B 33 -11.70 16.97 36.05
CA UNK B 33 -12.42 15.94 36.79
C UNK B 33 -12.13 16.07 38.28
N UNK B 34 -13.17 15.89 39.10
CA UNK B 34 -13.01 15.94 40.54
C UNK B 34 -13.19 14.55 41.12
N UNK B 35 -12.24 14.12 41.95
CA UNK B 35 -12.30 12.78 42.52
C UNK B 35 -12.36 12.81 44.04
N UNK B 36 -13.01 11.79 44.61
CA UNK B 36 -13.13 11.65 46.06
C UNK B 36 -12.28 10.48 46.55
N UNK B 37 -11.64 10.65 47.69
CA UNK B 37 -10.82 9.59 48.26
C UNK B 37 -11.02 9.49 49.77
N UNK B 38 -10.70 8.33 50.33
CA UNK B 38 -10.95 8.09 51.74
C UNK B 38 -9.72 7.49 52.43
N UNK B 39 -9.55 7.80 53.71
CA UNK B 39 -8.42 7.30 54.47
C UNK B 39 -8.89 6.73 55.81
N UNK B 40 -8.92 5.40 55.89
CA UNK B 40 -9.32 4.71 57.11
C UNK B 40 -8.22 4.77 58.16
N UNK B 41 -8.50 4.17 59.32
CA UNK B 41 -7.63 4.24 60.50
C UNK B 41 -6.16 3.97 60.19
N UNK B 42 -5.85 2.78 59.69
CA UNK B 42 -4.47 2.42 59.39
C UNK B 42 -4.28 2.04 57.93
N UNK B 43 -5.26 2.38 57.10
CA UNK B 43 -5.22 2.06 55.67
C UNK B 43 -4.67 3.22 54.85
N UNK B 44 -4.59 3.02 53.54
CA UNK B 44 -4.07 4.04 52.64
C UNK B 44 -5.18 4.98 52.20
N UNK B 45 -4.81 6.06 51.52
CA UNK B 45 -5.81 6.96 50.95
C UNK B 45 -6.46 6.29 49.73
N UNK B 46 -7.53 5.54 49.97
CA UNK B 46 -8.17 4.75 48.90
C UNK B 46 -9.07 5.61 48.02
N UNK B 47 -9.25 5.19 46.77
CA UNK B 47 -10.14 5.90 45.85
C UNK B 47 -11.59 5.64 46.24
N UNK B 48 -12.45 6.65 46.07
CA UNK B 48 -13.87 6.48 46.32
C UNK B 48 -14.65 6.61 45.02
N UNK B 49 -14.50 7.77 44.37
CA UNK B 49 -15.24 8.04 43.14
C UNK B 49 -14.64 9.21 42.37
N UNK B 50 -14.97 9.28 41.10
CA UNK B 50 -14.56 10.40 40.25
C UNK B 50 -15.77 10.93 39.46
N UNK B 51 -15.93 12.24 39.45
CA UNK B 51 -16.87 12.87 38.53
C UNK B 51 -16.06 13.58 37.45
N UNK B 52 -16.18 13.12 36.22
CA UNK B 52 -15.49 13.73 35.09
C UNK B 52 -16.20 15.02 34.71
N UNK B 53 -15.73 15.69 33.66
CA UNK B 53 -16.43 16.88 33.17
C UNK B 53 -17.82 16.47 32.73
N UNK B 54 -18.79 17.40 32.82
CA UNK B 54 -20.20 17.08 32.59
C UNK B 54 -20.40 16.26 31.32
N UNK B 55 -21.22 15.21 31.45
CA UNK B 55 -21.55 14.26 30.38
C UNK B 55 -20.40 13.30 30.03
N UNK B 56 -19.25 13.42 30.69
CA UNK B 56 -18.18 12.44 30.49
C UNK B 56 -18.22 11.37 31.58
N UNK B 57 -19.37 11.26 32.24
CA UNK B 57 -19.68 10.14 33.14
C UNK B 57 -18.93 10.16 34.47
N UNK B 58 -19.35 9.26 35.36
CA UNK B 58 -18.79 9.17 36.70
C UNK B 58 -18.42 7.72 37.02
N UNK B 59 -17.33 7.52 37.76
CA UNK B 59 -16.84 6.19 38.06
C UNK B 59 -16.67 6.02 39.57
N UNK B 60 -16.75 4.79 40.05
CA UNK B 60 -16.83 4.53 41.49
C UNK B 60 -16.02 3.30 41.92
N UNK B 61 -15.70 3.23 43.21
CA UNK B 61 -14.92 2.12 43.75
C UNK B 61 -15.83 0.99 44.21
N UNK B 62 -15.31 -0.23 44.24
CA UNK B 62 -16.10 -1.41 44.59
C UNK B 62 -16.62 -1.37 46.04
N UNK B 63 -15.99 -0.57 46.89
CA UNK B 63 -16.35 -0.49 48.30
C UNK B 63 -17.72 0.14 48.53
N UNK B 64 -18.20 0.91 47.55
CA UNK B 64 -19.46 1.64 47.73
C UNK B 64 -20.14 1.91 46.39
N UNK B 65 -20.28 0.85 45.58
CA UNK B 65 -20.81 0.98 44.23
C UNK B 65 -22.25 1.51 44.19
N UNK B 66 -23.14 0.89 44.97
CA UNK B 66 -24.54 1.26 44.93
C UNK B 66 -24.91 2.29 45.99
N UNK B 67 -24.12 2.36 47.05
CA UNK B 67 -24.44 3.20 48.20
C UNK B 67 -24.07 4.67 48.00
N UNK B 68 -23.05 4.92 47.19
CA UNK B 68 -22.54 6.27 47.01
C UNK B 68 -22.85 6.82 45.62
N UNK B 69 -22.98 8.15 45.56
CA UNK B 69 -23.27 8.86 44.32
C UNK B 69 -22.47 10.15 44.30
N UNK B 70 -21.91 10.49 43.14
CA UNK B 70 -21.12 11.70 43.01
C UNK B 70 -21.78 12.64 42.01
N UNK B 71 -21.83 13.92 42.36
CA UNK B 71 -22.43 14.95 41.51
C UNK B 71 -21.49 16.15 41.41
N UNK B 72 -21.79 17.06 40.50
CA UNK B 72 -20.98 18.26 40.35
C UNK B 72 -21.88 19.47 40.11
N UNK B 73 -21.35 20.66 40.41
CA UNK B 73 -22.03 21.91 40.10
C UNK B 73 -20.98 22.95 39.70
N UNK B 74 -20.69 23.03 38.41
CA UNK B 74 -19.65 23.93 37.92
C UNK B 74 -19.97 25.39 38.23
N UNK B 75 -21.26 25.72 38.23
CA UNK B 75 -21.70 27.08 38.53
C UNK B 75 -21.26 27.47 39.93
N UNK B 76 -21.43 26.57 40.89
CA UNK B 76 -20.99 26.82 42.26
C UNK B 76 -19.56 26.32 42.48
N UNK B 77 -18.91 25.85 41.41
CA UNK B 77 -17.56 25.29 41.47
C UNK B 77 -17.36 24.26 42.58
N UNK B 78 -18.44 23.56 42.95
CA UNK B 78 -18.38 22.57 44.02
C UNK B 78 -18.70 21.16 43.50
N UNK B 79 -18.03 20.16 44.07
CA UNK B 79 -18.32 18.76 43.78
C UNK B 79 -19.00 18.15 45.01
N UNK B 80 -19.86 17.16 44.79
CA UNK B 80 -20.64 16.61 45.90
C UNK B 80 -20.48 15.09 46.00
N UNK B 81 -20.67 14.57 47.22
CA UNK B 81 -20.58 13.14 47.45
C UNK B 81 -21.72 12.67 48.34
N UNK B 82 -22.79 12.16 47.73
CA UNK B 82 -23.94 11.67 48.48
C UNK B 82 -23.67 10.27 49.00
N UNK B 83 -23.63 10.11 50.31
CA UNK B 83 -23.35 8.81 50.91
C UNK B 83 -24.60 8.25 51.58
N UNK B 84 -25.15 7.18 51.01
CA UNK B 84 -26.34 6.55 51.55
C UNK B 84 -26.00 5.19 52.14
N UNK B 85 -26.84 4.71 53.05
CA UNK B 85 -26.65 3.42 53.71
C UNK B 85 -25.24 3.26 54.27
N UNK B 86 -24.81 4.24 55.05
CA UNK B 86 -23.47 4.24 55.61
C UNK B 86 -23.29 3.06 56.56
N UNK B 87 -22.04 2.63 56.74
CA UNK B 87 -21.74 1.49 57.60
C UNK B 87 -20.48 1.76 58.40
N UNK B 88 -20.24 0.93 59.41
CA UNK B 88 -19.10 1.11 60.29
C UNK B 88 -17.77 1.14 59.52
N UNK B 89 -17.66 0.32 58.48
CA UNK B 89 -16.43 0.25 57.69
C UNK B 89 -16.18 1.52 56.88
N UNK B 90 -17.21 2.33 56.71
CA UNK B 90 -17.11 3.56 55.94
C UNK B 90 -16.56 4.73 56.77
N UNK B 91 -16.29 4.48 58.05
CA UNK B 91 -15.75 5.52 58.92
C UNK B 91 -14.32 5.85 58.51
N UNK B 92 -14.07 7.10 58.16
CA UNK B 92 -12.76 7.52 57.67
C UNK B 92 -12.68 9.03 57.51
N UNK B 93 -11.57 9.51 56.96
CA UNK B 93 -11.46 10.91 56.56
C UNK B 93 -11.64 10.97 55.04
N UNK B 94 -12.62 11.76 54.60
CA UNK B 94 -12.89 11.85 53.17
C UNK B 94 -12.17 13.07 52.59
N UNK B 95 -11.39 12.83 51.54
CA UNK B 95 -10.62 13.89 50.88
C UNK B 95 -11.05 14.07 49.42
N UNK B 96 -11.00 15.31 48.96
CA UNK B 96 -11.32 15.64 47.58
C UNK B 96 -10.06 16.09 46.86
N UNK B 97 -10.02 15.90 45.54
CA UNK B 97 -8.85 16.29 44.76
C UNK B 97 -9.21 16.58 43.30
N UNK B 98 -8.38 17.34 42.62
CA UNK B 98 -8.58 17.62 41.21
C UNK B 98 -7.54 16.90 40.37
N UNK B 99 -7.97 16.44 39.19
CA UNK B 99 -7.05 15.87 38.22
C UNK B 99 -6.61 16.96 37.26
N UNK B 100 -5.30 17.22 37.23
CA UNK B 100 -4.78 18.28 36.38
C UNK B 100 -4.89 17.91 34.90
N UNK B 101 -4.77 16.61 34.58
CA UNK B 101 -4.85 16.18 33.19
C UNK B 101 -6.27 16.28 32.65
N UNK B 102 -6.45 17.02 31.56
CA UNK B 102 -7.76 17.13 30.95
C UNK B 102 -8.15 15.80 30.35
N UNK B 103 -7.14 15.01 29.99
CA UNK B 103 -7.35 13.70 29.40
C UNK B 103 -7.55 12.61 30.46
N UNK B 104 -7.65 13.03 31.72
CA UNK B 104 -8.02 12.15 32.84
C UNK B 104 -6.98 11.07 33.18
N UNK B 105 -5.71 11.39 33.05
CA UNK B 105 -4.64 10.47 33.48
C UNK B 105 -4.40 10.59 34.99
N UNK B 106 -5.11 11.54 35.61
CA UNK B 106 -5.09 11.75 37.07
C UNK B 106 -3.81 12.35 37.64
N UNK B 107 -3.46 13.55 37.19
CA UNK B 107 -2.40 14.29 37.85
C UNK B 107 -2.99 15.00 39.07
N UNK B 108 -3.07 14.28 40.19
CA UNK B 108 -3.76 14.78 41.36
C UNK B 108 -2.91 15.77 42.16
N UNK B 109 -2.72 16.95 41.58
CA UNK B 109 -1.80 17.95 42.13
C UNK B 109 -2.38 18.69 43.32
N UNK B 110 -3.69 18.94 43.31
CA UNK B 110 -4.32 19.71 44.39
C UNK B 110 -5.28 18.85 45.20
N UNK B 111 -5.17 18.95 46.53
CA UNK B 111 -5.99 18.14 47.43
C UNK B 111 -6.66 19.03 48.48
N UNK B 112 -7.67 18.50 49.16
CA UNK B 112 -8.36 19.22 50.22
C UNK B 112 -7.69 18.97 51.57
N UNK B 113 -8.33 19.41 52.65
CA UNK B 113 -7.82 19.17 54.01
C UNK B 113 -8.54 18.00 54.67
N UNK B 114 -9.56 17.51 53.97
CA UNK B 114 -10.38 16.35 54.37
C UNK B 114 -11.33 16.63 55.54
N UNK B 115 -12.47 15.94 55.51
CA UNK B 115 -13.46 16.01 56.58
C UNK B 115 -13.69 14.61 57.13
N UNK B 116 -13.91 14.52 58.44
CA UNK B 116 -14.04 13.22 59.10
C UNK B 116 -15.47 12.73 59.13
N UNK B 117 -15.67 11.52 58.61
CA UNK B 117 -16.95 10.84 58.72
C UNK B 117 -16.79 9.63 59.63
N UNK B 118 -17.71 9.47 60.57
CA UNK B 118 -17.67 8.34 61.49
C UNK B 118 -19.06 7.73 61.59
N UNK B 119 -19.11 6.41 61.59
CA UNK B 119 -20.38 5.68 61.71
C UNK B 119 -20.31 4.72 62.89
N UNK B 120 -21.03 5.06 63.96
CA UNK B 120 -21.03 4.25 65.17
C UNK B 120 -21.91 3.03 65.01
N GLN C 1 -27.00 -17.59 3.59
CA GLN C 1 -26.01 -18.58 3.18
C GLN C 1 -24.98 -17.95 2.24
N VAL C 2 -25.05 -16.64 2.12
CA VAL C 2 -24.12 -15.90 1.26
C VAL C 2 -22.78 -15.77 1.97
N GLN C 3 -21.70 -16.13 1.27
CA GLN C 3 -20.35 -16.04 1.81
C GLN C 3 -19.50 -15.18 0.89
N LEU C 4 -18.76 -14.25 1.49
CA LEU C 4 -17.72 -13.48 0.80
C LEU C 4 -16.39 -13.89 1.42
N VAL C 5 -15.51 -14.50 0.63
CA VAL C 5 -14.29 -15.12 1.11
C VAL C 5 -13.09 -14.33 0.62
N GLN C 6 -12.32 -13.78 1.56
CA GLN C 6 -11.06 -13.11 1.25
C GLN C 6 -9.91 -13.87 1.89
N PRO C 7 -8.73 -13.84 1.28
CA PRO C 7 -7.55 -14.42 1.94
C PRO C 7 -7.18 -13.64 3.18
N GLY C 8 -6.61 -14.34 4.16
CA GLY C 8 -6.44 -13.77 5.49
C GLY C 8 -5.42 -12.64 5.54
N ALA C 9 -4.29 -12.81 4.85
CA ALA C 9 -3.20 -11.84 4.96
C ALA C 9 -2.37 -11.85 3.69
N GLU C 10 -1.85 -10.67 3.33
CA GLU C 10 -1.02 -10.52 2.15
C GLU C 10 0.17 -9.62 2.46
N VAL C 11 1.38 -10.16 2.35
CA VAL C 11 2.61 -9.40 2.50
C VAL C 11 3.15 -9.07 1.12
N VAL C 12 3.30 -7.78 0.83
CA VAL C 12 3.73 -7.31 -0.48
C VAL C 12 4.74 -6.20 -0.28
N LYS C 13 5.71 -6.09 -1.19
CA LYS C 13 6.82 -5.16 -1.01
C LYS C 13 6.47 -3.77 -1.53
N PRO C 14 7.08 -2.72 -0.97
CA PRO C 14 6.73 -1.35 -1.38
C PRO C 14 6.97 -1.13 -2.86
N GLY C 15 6.12 -0.27 -3.45
CA GLY C 15 6.22 0.06 -4.86
C GLY C 15 5.60 -0.95 -5.79
N ALA C 16 5.26 -2.14 -5.32
CA ALA C 16 4.64 -3.16 -6.15
C ALA C 16 3.12 -2.98 -6.15
N SER C 17 2.40 -3.99 -6.63
CA SER C 17 0.95 -3.99 -6.67
C SER C 17 0.44 -5.30 -6.12
N VAL C 18 -0.83 -5.31 -5.70
CA VAL C 18 -1.44 -6.50 -5.14
C VAL C 18 -2.90 -6.56 -5.59
N LYS C 19 -3.34 -7.75 -5.98
CA LYS C 19 -4.70 -7.98 -6.46
C LYS C 19 -5.45 -8.75 -5.38
N LEU C 20 -6.40 -8.08 -4.73
CA LEU C 20 -7.16 -8.69 -3.65
C LEU C 20 -8.39 -9.39 -4.21
N SER C 21 -8.63 -10.62 -3.77
CA SER C 21 -9.71 -11.43 -4.29
C SER C 21 -10.84 -11.51 -3.27
N CYS C 22 -12.06 -11.67 -3.77
CA CYS C 22 -13.27 -11.75 -2.95
C CYS C 22 -14.22 -12.73 -3.63
N LYS C 23 -14.03 -14.02 -3.31
CA LYS C 23 -14.88 -15.07 -3.87
C LYS C 23 -16.24 -15.06 -3.18
N THR C 24 -17.30 -15.00 -3.99
CA THR C 24 -18.66 -14.99 -3.47
C THR C 24 -19.34 -16.31 -3.82
N SER C 25 -20.35 -16.66 -3.01
CA SER C 25 -21.16 -17.84 -3.24
C SER C 25 -22.52 -17.64 -2.57
N GLY C 26 -23.49 -18.44 -3.01
CA GLY C 26 -24.81 -18.43 -2.42
C GLY C 26 -25.81 -17.50 -3.08
N TYR C 27 -25.38 -16.72 -4.07
CA TYR C 27 -26.27 -15.81 -4.77
C TYR C 27 -25.73 -15.60 -6.18
N THR C 28 -26.59 -15.09 -7.05
CA THR C 28 -26.16 -14.77 -8.41
C THR C 28 -25.25 -13.54 -8.37
N PHE C 29 -23.97 -13.76 -8.70
CA PHE C 29 -22.94 -12.72 -8.57
C PHE C 29 -23.33 -11.41 -9.26
N THR C 30 -24.05 -11.48 -10.38
CA THR C 30 -24.36 -10.25 -11.11
C THR C 30 -25.50 -9.45 -10.49
N SER C 31 -26.14 -9.95 -9.43
CA SER C 31 -27.34 -9.30 -8.91
C SER C 31 -27.05 -8.29 -7.81
N ASN C 32 -25.79 -8.07 -7.45
CA ASN C 32 -25.47 -7.15 -6.38
C ASN C 32 -24.17 -6.42 -6.66
N TRP C 33 -24.18 -5.10 -6.47
CA TRP C 33 -22.95 -4.32 -6.47
C TRP C 33 -22.03 -4.77 -5.34
N MET C 34 -20.73 -4.61 -5.57
CA MET C 34 -19.71 -5.02 -4.61
C MET C 34 -18.90 -3.80 -4.19
N HIS C 35 -18.85 -3.54 -2.88
CA HIS C 35 -18.08 -2.43 -2.34
C HIS C 35 -16.77 -2.94 -1.73
N TRP C 36 -15.80 -2.04 -1.64
CA TRP C 36 -14.55 -2.30 -0.94
C TRP C 36 -14.32 -1.20 0.08
N VAL C 37 -13.86 -1.57 1.28
CA VAL C 37 -13.72 -0.67 2.41
C VAL C 37 -12.33 -0.87 3.03
N LYS C 38 -11.64 0.23 3.29
CA LYS C 38 -10.31 0.22 3.88
C LYS C 38 -10.37 0.57 5.37
N GLN C 39 -9.56 -0.12 6.17
CA GLN C 39 -9.43 0.18 7.60
C GLN C 39 -7.95 0.13 7.96
N ALA C 40 -7.34 1.30 8.11
CA ALA C 40 -5.97 1.38 8.58
C ALA C 40 -5.89 0.90 10.03
N PRO C 41 -4.71 0.45 10.48
CA PRO C 41 -4.60 -0.06 11.85
C PRO C 41 -4.91 1.02 12.87
N GLY C 42 -5.77 0.68 13.82
CA GLY C 42 -6.23 1.63 14.81
C GLY C 42 -7.06 2.78 14.28
N GLN C 43 -7.51 2.69 13.03
CA GLN C 43 -8.25 3.76 12.37
C GLN C 43 -9.68 3.29 12.08
N GLY C 44 -10.45 4.17 11.46
CA GLY C 44 -11.82 3.87 11.07
C GLY C 44 -11.91 3.22 9.71
N LEU C 45 -13.11 3.27 9.14
CA LEU C 45 -13.42 2.65 7.85
C LEU C 45 -13.54 3.72 6.77
N GLU C 46 -13.03 3.41 5.58
CA GLU C 46 -13.04 4.35 4.46
C GLU C 46 -13.54 3.65 3.21
N TRP C 47 -14.62 4.18 2.62
CA TRP C 47 -15.18 3.59 1.41
C TRP C 47 -14.30 3.86 0.22
N ILE C 48 -13.89 2.80 -0.48
CA ILE C 48 -12.98 2.92 -1.61
C ILE C 48 -13.74 3.06 -2.92
N GLY C 49 -14.75 2.23 -3.14
CA GLY C 49 -15.46 2.26 -4.41
C GLY C 49 -16.41 1.09 -4.53
N GLU C 50 -17.12 1.08 -5.64
CA GLU C 50 -18.15 0.08 -5.92
C GLU C 50 -18.07 -0.30 -7.39
N ILE C 51 -18.43 -1.55 -7.68
CA ILE C 51 -18.46 -2.07 -9.03
C ILE C 51 -19.73 -2.90 -9.22
N ASP C 52 -20.33 -2.78 -10.40
CA ASP C 52 -21.48 -3.58 -10.77
C ASP C 52 -21.00 -4.77 -11.56
N PRO C 53 -21.02 -6.00 -11.02
CA PRO C 53 -20.47 -7.14 -11.74
C PRO C 53 -21.15 -7.44 -13.07
N SER C 54 -22.35 -6.91 -13.29
CA SER C 54 -23.05 -7.19 -14.54
C SER C 54 -22.35 -6.52 -15.72
N ASP C 55 -22.02 -5.24 -15.61
CA ASP C 55 -21.42 -4.49 -16.70
C ASP C 55 -20.05 -3.90 -16.35
N SER C 56 -19.51 -4.25 -15.18
CA SER C 56 -18.25 -3.70 -14.67
C SER C 56 -18.26 -2.17 -14.55
N TYR C 57 -19.43 -1.57 -14.37
CA TYR C 57 -19.50 -0.14 -14.10
C TYR C 57 -18.94 0.13 -12.71
N THR C 58 -18.10 1.17 -12.60
CA THR C 58 -17.41 1.44 -11.35
C THR C 58 -17.64 2.88 -10.90
N ASN C 59 -17.79 3.06 -9.60
CA ASN C 59 -17.78 4.37 -8.96
C ASN C 59 -16.73 4.36 -7.87
N TYR C 60 -15.87 5.37 -7.87
CA TYR C 60 -14.71 5.40 -7.00
C TYR C 60 -14.77 6.57 -6.02
N ASN C 61 -14.18 6.36 -4.85
CA ASN C 61 -13.76 7.48 -4.02
C ASN C 61 -12.62 8.20 -4.74
N GLN C 62 -12.78 9.51 -4.93
CA GLN C 62 -11.81 10.27 -5.72
C GLN C 62 -10.41 10.23 -5.14
N ASN C 63 -10.28 9.98 -3.83
CA ASN C 63 -8.98 9.84 -3.21
C ASN C 63 -8.24 8.58 -3.63
N PHE C 64 -8.91 7.66 -4.34
CA PHE C 64 -8.28 6.43 -4.79
C PHE C 64 -8.19 6.35 -6.31
N GLN C 65 -8.29 7.49 -7.01
CA GLN C 65 -8.10 7.51 -8.46
C GLN C 65 -6.69 7.05 -8.79
N GLY C 66 -6.59 5.99 -9.58
CA GLY C 66 -5.31 5.42 -9.96
C GLY C 66 -4.77 4.47 -8.93
N LYS C 67 -5.07 4.73 -7.66
CA LYS C 67 -4.58 3.86 -6.59
C LYS C 67 -5.27 2.49 -6.63
N ALA C 68 -6.60 2.49 -6.72
CA ALA C 68 -7.37 1.26 -6.72
C ALA C 68 -8.05 1.06 -8.07
N LYS C 69 -8.17 -0.20 -8.48
CA LYS C 69 -8.82 -0.58 -9.73
C LYS C 69 -9.70 -1.79 -9.45
N LEU C 70 -10.99 -1.67 -9.73
CA LEU C 70 -11.95 -2.74 -9.46
C LEU C 70 -12.27 -3.50 -10.73
N THR C 71 -12.30 -4.83 -10.64
CA THR C 71 -12.72 -5.69 -11.72
C THR C 71 -13.52 -6.84 -11.14
N VAL C 72 -14.15 -7.61 -12.01
CA VAL C 72 -14.90 -8.80 -11.61
C VAL C 72 -14.59 -9.94 -12.56
N ASP C 73 -14.75 -11.16 -12.07
CA ASP C 73 -14.65 -12.37 -12.88
C ASP C 73 -15.98 -13.10 -12.73
N LYS C 74 -16.87 -12.93 -13.70
CA LYS C 74 -18.19 -13.53 -13.61
C LYS C 74 -18.18 -15.05 -13.67
N SER C 75 -17.16 -15.65 -14.29
CA SER C 75 -17.12 -17.10 -14.42
C SER C 75 -16.81 -17.80 -13.10
N THR C 76 -16.18 -17.11 -12.15
CA THR C 76 -15.93 -17.67 -10.83
C THR C 76 -16.64 -16.89 -9.73
N SER C 77 -17.49 -15.93 -10.09
CA SER C 77 -18.23 -15.10 -9.13
C SER C 77 -17.29 -14.46 -8.11
N THR C 78 -16.19 -13.90 -8.63
CA THR C 78 -15.14 -13.32 -7.81
C THR C 78 -14.93 -11.87 -8.22
N ALA C 79 -14.90 -10.98 -7.23
CA ALA C 79 -14.57 -9.58 -7.45
C ALA C 79 -13.14 -9.31 -6.99
N TYR C 80 -12.45 -8.42 -7.71
CA TYR C 80 -11.06 -8.12 -7.42
C TYR C 80 -10.86 -6.62 -7.24
N MET C 81 -9.87 -6.26 -6.42
CA MET C 81 -9.39 -4.89 -6.30
C MET C 81 -7.87 -4.89 -6.36
N GLU C 82 -7.31 -4.05 -7.23
CA GLU C 82 -5.87 -3.96 -7.42
C GLU C 82 -5.37 -2.60 -6.93
N VAL C 83 -4.49 -2.63 -5.93
CA VAL C 83 -3.89 -1.44 -5.35
C VAL C 83 -2.44 -1.35 -5.84
N SER C 84 -2.13 -0.31 -6.60
CA SER C 84 -0.83 -0.16 -7.22
C SER C 84 0.04 0.86 -6.47
N SER C 85 1.35 0.78 -6.74
CA SER C 85 2.36 1.67 -6.18
C SER C 85 2.25 1.73 -4.65
N LEU C 86 2.45 0.57 -4.03
CA LEU C 86 2.17 0.43 -2.61
C LEU C 86 3.25 1.12 -1.77
N ARG C 87 2.80 1.82 -0.73
CA ARG C 87 3.67 2.43 0.26
C ARG C 87 3.13 2.12 1.64
N SER C 88 3.82 2.63 2.67
CA SER C 88 3.43 2.35 4.05
C SER C 88 2.02 2.83 4.36
N ASP C 89 1.55 3.86 3.67
CA ASP C 89 0.20 4.38 3.86
C ASP C 89 -0.86 3.35 3.49
N ASP C 90 -0.51 2.33 2.70
CA ASP C 90 -1.49 1.36 2.19
C ASP C 90 -1.63 0.14 3.07
N THR C 91 -0.83 0.01 4.13
CA THR C 91 -0.98 -1.10 5.06
C THR C 91 -2.29 -0.94 5.82
N ALA C 92 -3.23 -1.84 5.58
CA ALA C 92 -4.56 -1.76 6.17
C ALA C 92 -5.24 -3.11 6.02
N VAL C 93 -6.47 -3.19 6.52
CA VAL C 93 -7.35 -4.32 6.26
C VAL C 93 -8.36 -3.87 5.22
N TYR C 94 -8.47 -4.63 4.14
CA TYR C 94 -9.37 -4.33 3.04
C TYR C 94 -10.52 -5.33 3.06
N TYR C 95 -11.74 -4.82 3.21
CA TYR C 95 -12.94 -5.62 3.18
C TYR C 95 -13.64 -5.45 1.85
N CYS C 96 -14.24 -6.55 1.37
CA CYS C 96 -15.26 -6.50 0.33
C CYS C 96 -16.62 -6.64 0.98
N ALA C 97 -17.59 -5.87 0.50
CA ALA C 97 -18.93 -5.89 1.07
C ALA C 97 -19.97 -5.90 -0.05
N ARG C 98 -21.00 -6.73 0.12
CA ARG C 98 -22.08 -6.79 -0.85
C ARG C 98 -23.09 -5.68 -0.57
N GLY C 99 -23.32 -4.83 -1.57
CA GLY C 99 -24.37 -3.85 -1.47
C GLY C 99 -25.74 -4.49 -1.69
N SER C 100 -26.70 -4.09 -0.87
CA SER C 100 -28.06 -4.59 -1.01
C SER C 100 -28.70 -4.05 -2.29
N ASN C 101 -29.86 -4.63 -2.61
CA ASN C 101 -30.68 -4.19 -3.74
C ASN C 101 -32.13 -4.19 -3.24
N PRO C 102 -32.71 -3.01 -3.00
CA PRO C 102 -32.20 -1.65 -3.20
C PRO C 102 -31.05 -1.26 -2.28
N TYR C 103 -30.33 -0.20 -2.67
CA TYR C 103 -29.11 0.18 -1.97
C TYR C 103 -29.38 0.60 -0.52
N TYR C 104 -30.58 1.11 -0.23
CA TYR C 104 -30.84 1.64 1.11
C TYR C 104 -31.08 0.55 2.16
N TYR C 105 -30.87 -0.72 1.83
CA TYR C 105 -30.76 -1.76 2.85
C TYR C 105 -29.31 -2.01 3.26
N ALA C 106 -28.39 -1.13 2.84
CA ALA C 106 -26.99 -1.12 3.29
C ALA C 106 -26.22 -2.34 2.82
N MET C 107 -24.98 -2.47 3.28
CA MET C 107 -24.11 -3.57 2.88
C MET C 107 -24.37 -4.76 3.81
N ASP C 108 -24.97 -5.83 3.27
CA ASP C 108 -25.55 -6.87 4.11
C ASP C 108 -24.62 -8.04 4.36
N TYR C 109 -23.60 -8.23 3.53
CA TYR C 109 -22.62 -9.28 3.75
C TYR C 109 -21.23 -8.71 3.58
N TRP C 110 -20.36 -8.97 4.54
CA TRP C 110 -19.01 -8.46 4.54
C TRP C 110 -18.02 -9.60 4.46
N GLY C 111 -17.00 -9.44 3.64
CA GLY C 111 -15.92 -10.40 3.60
C GLY C 111 -15.13 -10.40 4.90
N GLN C 112 -14.29 -11.43 5.02
CA GLN C 112 -13.43 -11.58 6.19
C GLN C 112 -12.44 -10.43 6.32
N GLY C 113 -12.11 -9.77 5.21
CA GLY C 113 -11.07 -8.75 5.20
C GLY C 113 -9.68 -9.34 5.04
N THR C 114 -8.86 -8.73 4.17
CA THR C 114 -7.49 -9.16 3.94
C THR C 114 -6.53 -8.15 4.54
N SER C 115 -5.74 -8.59 5.51
CA SER C 115 -4.72 -7.74 6.13
C SER C 115 -3.53 -7.63 5.19
N VAL C 116 -3.37 -6.46 4.57
CA VAL C 116 -2.27 -6.20 3.66
C VAL C 116 -1.18 -5.46 4.42
N THR C 117 0.03 -6.03 4.45
CA THR C 117 1.19 -5.41 5.08
C THR C 117 2.18 -5.05 3.98
N VAL C 118 2.48 -3.76 3.85
CA VAL C 118 3.47 -3.29 2.88
C VAL C 118 4.81 -3.26 3.60
N SER C 119 5.57 -4.35 3.45
CA SER C 119 6.86 -4.49 4.12
C SER C 119 7.85 -5.12 3.17
N SER C 120 9.14 -4.87 3.45
CA SER C 120 10.24 -5.46 2.71
C SER C 120 11.05 -6.43 3.55
N ALA C 121 10.50 -6.88 4.68
CA ALA C 121 11.23 -7.74 5.59
C ALA C 121 11.22 -9.19 5.11
N SER C 122 12.29 -9.90 5.44
CA SER C 122 12.40 -11.31 5.15
C SER C 122 11.75 -12.12 6.27
N THR C 123 11.50 -13.40 6.00
CA THR C 123 10.95 -14.29 7.01
C THR C 123 11.99 -14.54 8.10
N LYS C 124 11.59 -14.38 9.36
CA LYS C 124 12.52 -14.49 10.47
C LYS C 124 11.78 -14.94 11.72
N GLY C 125 12.32 -15.95 12.38
CA GLY C 125 11.79 -16.42 13.64
C GLY C 125 12.15 -15.48 14.77
N PRO C 126 11.45 -15.61 15.90
CA PRO C 126 11.65 -14.68 17.02
C PRO C 126 12.72 -15.12 17.99
N SER C 127 13.28 -14.13 18.68
CA SER C 127 14.10 -14.36 19.86
C SER C 127 13.22 -14.24 21.09
N VAL C 128 13.30 -15.22 21.98
CA VAL C 128 12.46 -15.26 23.16
C VAL C 128 13.32 -15.02 24.39
N PHE C 129 13.07 -13.92 25.09
CA PHE C 129 13.80 -13.56 26.29
C PHE C 129 12.88 -13.59 27.50
N PRO C 130 13.38 -14.01 28.66
CA PRO C 130 12.52 -14.07 29.84
C PRO C 130 12.27 -12.71 30.44
N LEU C 131 11.14 -12.59 31.13
CA LEU C 131 10.79 -11.42 31.94
C LEU C 131 10.76 -11.91 33.39
N ALA C 132 11.92 -11.81 34.06
CA ALA C 132 12.07 -12.46 35.36
C ALA C 132 11.32 -11.69 36.44
N PRO C 133 10.61 -12.39 37.33
CA PRO C 133 9.95 -11.70 38.45
C PRO C 133 10.97 -11.15 39.43
N SER C 134 10.75 -9.91 39.86
CA SER C 134 11.69 -9.21 40.71
C SER C 134 11.69 -9.81 42.12
N SER C 135 12.50 -9.22 43.00
CA SER C 135 12.63 -9.73 44.36
C SER C 135 11.32 -9.54 45.13
N LYS C 136 10.88 -8.29 45.29
CA LYS C 136 9.66 -8.00 46.01
C LYS C 136 8.42 -8.47 45.23
N GLY C 141 2.38 -12.11 48.25
CA GLY C 141 1.60 -11.34 47.30
C GLY C 141 1.55 -11.95 45.91
N THR C 142 1.17 -11.14 44.93
CA THR C 142 1.09 -11.58 43.54
C THR C 142 2.36 -11.14 42.81
N ALA C 143 2.98 -12.08 42.10
CA ALA C 143 4.15 -11.80 41.29
C ALA C 143 3.79 -11.88 39.81
N ALA C 144 4.59 -11.20 38.99
CA ALA C 144 4.37 -11.16 37.55
C ALA C 144 5.66 -11.57 36.83
N LEU C 145 5.53 -12.52 35.91
CA LEU C 145 6.61 -12.95 35.05
C LEU C 145 6.11 -12.96 33.62
N GLY C 146 7.01 -13.20 32.68
CA GLY C 146 6.58 -13.19 31.29
C GLY C 146 7.71 -13.52 30.34
N CYS C 147 7.41 -13.36 29.05
CA CYS C 147 8.35 -13.61 27.98
C CYS C 147 8.28 -12.46 26.98
N LEU C 148 9.42 -12.15 26.39
CA LEU C 148 9.52 -11.10 25.37
C LEU C 148 9.80 -11.78 24.03
N VAL C 149 8.77 -11.88 23.21
CA VAL C 149 8.88 -12.43 21.87
C VAL C 149 9.21 -11.28 20.93
N LYS C 150 10.42 -11.26 20.40
CA LYS C 150 10.98 -10.07 19.78
C LYS C 150 11.55 -10.40 18.40
N ASP C 151 11.41 -9.44 17.48
CA ASP C 151 12.07 -9.44 16.18
C ASP C 151 11.74 -10.70 15.36
N TYR C 152 10.50 -10.74 14.87
CA TYR C 152 10.04 -11.81 14.00
C TYR C 152 9.19 -11.22 12.88
N PHE C 153 9.11 -11.97 11.79
CA PHE C 153 8.34 -11.56 10.63
C PHE C 153 8.04 -12.78 9.78
N PRO C 154 6.80 -12.94 9.30
CA PRO C 154 5.72 -12.00 9.56
C PRO C 154 4.91 -12.34 10.81
N GLU C 155 3.71 -11.81 10.88
CA GLU C 155 2.75 -12.21 11.89
C GLU C 155 2.07 -13.52 11.46
N PRO C 156 1.55 -14.31 12.41
CA PRO C 156 1.62 -14.09 13.85
C PRO C 156 2.51 -15.11 14.59
N VAL C 157 2.52 -14.99 15.92
CA VAL C 157 3.09 -16.01 16.78
C VAL C 157 2.03 -16.41 17.80
N THR C 158 2.09 -17.66 18.22
CA THR C 158 1.25 -18.16 19.29
C THR C 158 2.09 -18.36 20.55
N VAL C 159 1.49 -18.12 21.71
CA VAL C 159 2.17 -18.22 22.98
C VAL C 159 1.34 -19.06 23.93
N SER C 160 1.95 -20.10 24.49
CA SER C 160 1.34 -20.95 25.50
C SER C 160 2.24 -20.99 26.72
N TRP C 161 1.65 -21.28 27.87
CA TRP C 161 2.38 -21.35 29.13
C TRP C 161 2.24 -22.74 29.71
N ASN C 162 3.38 -23.41 29.94
CA ASN C 162 3.41 -24.78 30.44
C ASN C 162 2.58 -25.70 29.56
N SER C 163 2.74 -25.56 28.25
CA SER C 163 2.05 -26.39 27.26
C SER C 163 0.54 -26.31 27.41
N GLY C 164 0.04 -25.13 27.74
CA GLY C 164 -1.39 -24.90 27.85
C GLY C 164 -1.97 -25.12 29.24
N ALA C 165 -1.17 -25.57 30.20
CA ALA C 165 -1.68 -25.81 31.54
C ALA C 165 -1.91 -24.52 32.32
N LEU C 166 -1.12 -23.48 32.05
CA LEU C 166 -1.25 -22.20 32.75
C LEU C 166 -1.97 -21.23 31.82
N THR C 167 -3.24 -20.97 32.11
CA THR C 167 -4.05 -20.06 31.31
C THR C 167 -4.66 -18.92 32.11
N SER C 168 -4.91 -19.10 33.41
CA SER C 168 -5.52 -18.07 34.22
C SER C 168 -4.53 -16.93 34.48
N GLY C 169 -5.00 -15.70 34.29
CA GLY C 169 -4.17 -14.54 34.50
C GLY C 169 -3.11 -14.29 33.44
N VAL C 170 -3.28 -14.86 32.26
CA VAL C 170 -2.35 -14.67 31.14
C VAL C 170 -2.84 -13.52 30.28
N HIS C 171 -1.94 -12.58 29.98
CA HIS C 171 -2.20 -11.53 29.01
C HIS C 171 -1.12 -11.58 27.94
N THR C 172 -1.52 -11.88 26.70
CA THR C 172 -0.62 -11.80 25.56
C THR C 172 -1.00 -10.55 24.78
N PHE C 173 -0.09 -9.57 24.76
CA PHE C 173 -0.39 -8.29 24.17
C PHE C 173 -0.37 -8.39 22.64
N PRO C 174 -1.10 -7.51 21.95
CA PRO C 174 -0.99 -7.45 20.49
C PRO C 174 0.42 -7.03 20.08
N ALA C 175 0.93 -7.68 19.05
CA ALA C 175 2.28 -7.39 18.58
C ALA C 175 2.40 -5.93 18.17
N VAL C 176 3.61 -5.40 18.23
CA VAL C 176 3.91 -4.05 17.82
C VAL C 176 4.97 -4.10 16.73
N LEU C 177 4.82 -3.22 15.73
CA LEU C 177 5.74 -3.13 14.62
C LEU C 177 6.85 -2.15 14.96
N GLN C 178 8.09 -2.63 14.99
CA GLN C 178 9.21 -1.76 15.30
C GLN C 178 9.68 -1.04 14.04
N SER C 179 10.49 0.00 14.25
CA SER C 179 11.02 0.77 13.13
C SER C 179 11.86 -0.08 12.19
N SER C 180 12.43 -1.18 12.68
CA SER C 180 13.22 -2.09 11.86
C SER C 180 12.37 -2.85 10.85
N GLY C 181 11.04 -2.84 11.00
CA GLY C 181 10.17 -3.63 10.17
C GLY C 181 9.75 -4.96 10.77
N LEU C 182 10.22 -5.29 11.97
CA LEU C 182 9.93 -6.55 12.62
C LEU C 182 8.99 -6.33 13.80
N TYR C 183 8.28 -7.38 14.17
CA TYR C 183 7.29 -7.30 15.23
C TYR C 183 7.89 -7.74 16.57
N SER C 184 7.33 -7.17 17.64
CA SER C 184 7.67 -7.56 19.00
C SER C 184 6.40 -7.75 19.81
N LEU C 185 6.48 -8.64 20.79
CA LEU C 185 5.31 -9.06 21.55
C LEU C 185 5.77 -9.48 22.93
N SER C 186 4.90 -9.29 23.91
CA SER C 186 5.16 -9.75 25.28
C SER C 186 3.93 -10.49 25.79
N SER C 187 4.17 -11.59 26.48
CA SER C 187 3.12 -12.35 27.16
C SER C 187 3.47 -12.43 28.63
N VAL C 188 2.55 -12.00 29.49
CA VAL C 188 2.77 -11.92 30.92
C VAL C 188 1.73 -12.79 31.63
N VAL C 189 2.03 -13.10 32.88
CA VAL C 189 1.11 -13.88 33.71
C VAL C 189 1.39 -13.55 35.17
N THR C 190 0.33 -13.44 35.96
CA THR C 190 0.44 -13.19 37.39
C THR C 190 0.26 -14.49 38.16
N VAL C 191 1.18 -14.75 39.08
CA VAL C 191 1.16 -16.00 39.85
C VAL C 191 1.40 -15.67 41.31
N PRO C 192 0.99 -16.55 42.23
CA PRO C 192 1.31 -16.33 43.64
C PRO C 192 2.80 -16.37 43.88
N SER C 193 3.28 -15.45 44.72
CA SER C 193 4.72 -15.35 44.98
C SER C 193 5.26 -16.59 45.67
N SER C 194 4.43 -17.28 46.45
CA SER C 194 4.90 -18.48 47.13
C SER C 194 5.26 -19.59 46.14
N SER C 195 4.58 -19.63 44.99
CA SER C 195 4.83 -20.67 44.00
C SER C 195 6.11 -20.46 43.21
N LEU C 196 6.81 -19.34 43.41
CA LEU C 196 8.03 -19.08 42.66
C LEU C 196 9.16 -20.04 43.04
N GLY C 197 9.01 -20.82 44.10
CA GLY C 197 10.02 -21.78 44.48
C GLY C 197 9.81 -23.13 43.85
N THR C 198 8.57 -23.63 43.86
CA THR C 198 8.28 -24.98 43.37
C THR C 198 7.85 -24.96 41.89
N GLN C 199 6.71 -24.34 41.62
CA GLN C 199 6.11 -24.39 40.29
C GLN C 199 6.95 -23.60 39.29
N THR C 200 7.54 -24.30 38.34
CA THR C 200 8.27 -23.64 37.26
C THR C 200 7.31 -23.09 36.22
N TYR C 201 7.80 -22.18 35.39
CA TYR C 201 6.98 -21.53 34.38
C TYR C 201 7.74 -21.47 33.07
N ILE C 202 7.10 -21.97 32.01
CA ILE C 202 7.71 -22.08 30.70
C ILE C 202 6.75 -21.52 29.67
N CYS C 203 7.22 -20.55 28.88
CA CYS C 203 6.41 -20.02 27.78
C CYS C 203 6.79 -20.74 26.49
N ASN C 204 5.79 -21.05 25.69
CA ASN C 204 5.96 -21.81 24.45
C ASN C 204 5.62 -20.90 23.29
N VAL C 205 6.62 -20.56 22.49
CA VAL C 205 6.46 -19.66 21.35
C VAL C 205 6.53 -20.49 20.07
N ASN C 206 5.57 -20.26 19.18
CA ASN C 206 5.47 -21.00 17.93
C ASN C 206 5.27 -20.01 16.80
N HIS C 207 6.14 -20.07 15.79
CA HIS C 207 6.10 -19.17 14.64
C HIS C 207 6.21 -20.04 13.39
N LYS C 208 5.05 -20.41 12.83
CA LYS C 208 5.03 -21.32 11.69
C LYS C 208 5.74 -20.79 10.45
N PRO C 209 5.62 -19.52 10.05
CA PRO C 209 6.28 -19.08 8.80
C PRO C 209 7.78 -19.32 8.77
N SER C 210 8.43 -19.56 9.91
CA SER C 210 9.85 -19.89 9.94
C SER C 210 10.14 -21.24 10.58
N ASN C 211 9.11 -22.05 10.84
CA ASN C 211 9.27 -23.32 11.53
C ASN C 211 10.08 -23.17 12.82
N THR C 212 9.77 -22.11 13.57
CA THR C 212 10.44 -21.80 14.83
C THR C 212 9.49 -22.14 15.98
N LYS C 213 9.97 -22.97 16.90
CA LYS C 213 9.18 -23.41 18.06
C LYS C 213 10.11 -23.37 19.27
N VAL C 214 10.03 -22.28 20.03
CA VAL C 214 10.92 -22.03 21.15
C VAL C 214 10.17 -22.25 22.45
N ASP C 215 10.83 -22.92 23.40
CA ASP C 215 10.35 -23.06 24.76
C ASP C 215 11.34 -22.36 25.67
N LYS C 216 10.84 -21.47 26.53
CA LYS C 216 11.68 -20.64 27.36
C LYS C 216 11.26 -20.75 28.82
N LYS C 217 12.21 -21.11 29.68
CA LYS C 217 11.96 -21.20 31.12
C LYS C 217 12.22 -19.84 31.76
N VAL C 218 11.33 -19.44 32.66
CA VAL C 218 11.42 -18.16 33.34
C VAL C 218 11.56 -18.40 34.84
N GLU C 219 12.59 -17.84 35.43
CA GLU C 219 12.89 -18.08 36.84
C GLU C 219 13.65 -16.90 37.39
N PRO C 220 13.45 -16.55 38.67
CA PRO C 220 14.16 -15.44 39.31
C PRO C 220 15.62 -15.79 39.60
N GLU D 1 -18.28 13.19 0.37
CA GLU D 1 -18.99 14.39 -0.02
C GLU D 1 -19.73 15.02 1.16
N ILE D 2 -20.48 14.19 1.88
CA ILE D 2 -21.12 14.58 3.14
C ILE D 2 -20.31 13.99 4.28
N VAL D 3 -20.04 14.80 5.29
CA VAL D 3 -19.20 14.38 6.42
C VAL D 3 -20.09 13.89 7.55
N LEU D 4 -19.72 12.77 8.16
CA LEU D 4 -20.46 12.18 9.26
C LEU D 4 -19.62 12.23 10.52
N THR D 5 -20.25 12.65 11.62
CA THR D 5 -19.56 12.84 12.89
C THR D 5 -20.38 12.20 14.01
N GLN D 6 -19.76 11.28 14.74
CA GLN D 6 -20.43 10.56 15.81
C GLN D 6 -20.01 11.11 17.16
N SER D 7 -20.93 11.01 18.13
CA SER D 7 -20.69 11.47 19.50
C SER D 7 -21.30 10.44 20.45
N PRO D 8 -20.58 10.04 21.49
CA PRO D 8 -19.20 10.45 21.71
C PRO D 8 -18.22 9.45 21.11
N ALA D 9 -16.91 9.70 21.24
CA ALA D 9 -15.94 8.77 20.70
C ALA D 9 -15.95 7.46 21.49
N ILE D 10 -15.95 7.54 22.81
CA ILE D 10 -15.96 6.36 23.68
C ILE D 10 -17.15 6.47 24.62
N MET D 11 -17.91 5.38 24.73
CA MET D 11 -19.03 5.27 25.66
C MET D 11 -18.75 4.18 26.66
N SER D 12 -18.93 4.49 27.95
CA SER D 12 -18.75 3.52 29.03
C SER D 12 -20.10 3.31 29.69
N ALA D 13 -20.68 2.12 29.48
CA ALA D 13 -22.04 1.84 29.93
C ALA D 13 -22.03 0.67 30.92
N SER D 14 -22.74 0.83 32.02
CA SER D 14 -22.89 -0.24 32.99
C SER D 14 -23.91 -1.26 32.48
N PRO D 15 -23.83 -2.50 32.95
CA PRO D 15 -24.86 -3.49 32.58
C PRO D 15 -26.23 -3.01 33.02
N GLY D 16 -27.19 -3.10 32.09
CA GLY D 16 -28.54 -2.66 32.34
C GLY D 16 -28.80 -1.19 32.09
N GLU D 17 -27.77 -0.42 31.78
CA GLU D 17 -27.91 1.01 31.57
C GLU D 17 -28.43 1.29 30.15
N ARG D 18 -29.16 2.40 30.02
CA ARG D 18 -29.60 2.87 28.70
C ARG D 18 -28.44 3.54 27.97
N VAL D 19 -28.26 3.19 26.71
CA VAL D 19 -27.18 3.73 25.88
C VAL D 19 -27.79 4.41 24.67
N THR D 20 -27.27 5.59 24.34
CA THR D 20 -27.64 6.26 23.10
C THR D 20 -26.43 6.97 22.53
N MET D 21 -26.15 6.73 21.26
CA MET D 21 -25.06 7.38 20.54
C MET D 21 -25.64 8.05 19.30
N THR D 22 -25.02 9.16 18.88
CA THR D 22 -25.58 9.95 17.80
C THR D 22 -24.62 10.03 16.63
N CYS D 23 -25.20 10.25 15.44
CA CYS D 23 -24.47 10.38 14.19
C CYS D 23 -25.00 11.64 13.52
N SER D 24 -24.15 12.64 13.39
CA SER D 24 -24.55 13.92 12.81
C SER D 24 -23.94 14.07 11.43
N ALA D 25 -24.77 14.47 10.47
CA ALA D 25 -24.36 14.69 9.09
C ALA D 25 -24.19 16.18 8.83
N SER D 26 -23.22 16.52 7.98
CA SER D 26 -22.99 17.91 7.64
C SER D 26 -24.15 18.49 6.83
N SER D 27 -24.87 17.65 6.10
CA SER D 27 -26.02 18.06 5.32
C SER D 27 -27.11 17.02 5.50
N GLY D 28 -28.35 17.42 5.22
CA GLY D 28 -29.48 16.53 5.44
C GLY D 28 -29.44 15.33 4.51
N VAL D 29 -29.73 14.15 5.09
CA VAL D 29 -29.88 12.92 4.33
C VAL D 29 -31.21 12.28 4.72
N ASN D 30 -31.59 11.25 3.96
CA ASN D 30 -32.89 10.61 4.17
C ASN D 30 -32.84 9.42 5.10
N TYR D 31 -31.68 8.82 5.29
CA TYR D 31 -31.57 7.57 6.05
C TYR D 31 -30.13 7.39 6.48
N MET D 32 -29.94 6.54 7.49
CA MET D 32 -28.60 6.26 8.00
C MET D 32 -28.50 4.79 8.35
N HIS D 33 -27.37 4.18 8.00
CA HIS D 33 -27.09 2.80 8.40
C HIS D 33 -26.11 2.78 9.56
N TRP D 34 -26.19 1.72 10.35
CA TRP D 34 -25.29 1.51 11.47
C TRP D 34 -24.64 0.15 11.33
N TYR D 35 -23.32 0.10 11.49
CA TYR D 35 -22.55 -1.13 11.43
C TYR D 35 -21.88 -1.37 12.78
N GLN D 36 -21.80 -2.64 13.18
CA GLN D 36 -21.12 -3.04 14.40
C GLN D 36 -19.83 -3.76 14.05
N GLN D 37 -18.76 -3.46 14.80
CA GLN D 37 -17.47 -4.12 14.59
C GLN D 37 -16.85 -4.46 15.94
N LYS D 38 -16.66 -5.73 16.19
CA LYS D 38 -15.88 -6.17 17.32
C LYS D 38 -14.42 -6.34 16.90
N PRO D 39 -13.48 -6.21 17.84
CA PRO D 39 -12.05 -6.28 17.49
C PRO D 39 -11.71 -7.58 16.78
N GLY D 40 -10.90 -7.46 15.73
CA GLY D 40 -10.48 -8.61 14.94
C GLY D 40 -11.54 -9.20 14.03
N THR D 41 -12.74 -8.61 13.98
CA THR D 41 -13.81 -9.10 13.12
C THR D 41 -14.23 -8.00 12.16
N SER D 42 -14.87 -8.43 11.07
CA SER D 42 -15.35 -7.49 10.07
C SER D 42 -16.54 -6.70 10.59
N PRO D 43 -16.76 -5.49 10.07
CA PRO D 43 -18.02 -4.80 10.35
C PRO D 43 -19.20 -5.66 9.90
N ARG D 44 -20.32 -5.50 10.59
CA ARG D 44 -21.51 -6.29 10.34
C ARG D 44 -22.71 -5.35 10.32
N ARG D 45 -23.57 -5.51 9.32
CA ARG D 45 -24.77 -4.68 9.23
C ARG D 45 -25.61 -4.88 10.48
N TRP D 46 -25.88 -3.79 11.20
CA TRP D 46 -26.55 -3.85 12.49
C TRP D 46 -27.92 -3.21 12.42
N ILE D 47 -28.00 -1.94 12.03
CA ILE D 47 -29.25 -1.24 11.79
C ILE D 47 -29.11 -0.54 10.44
N TYR D 48 -30.01 -0.85 9.52
CA TYR D 48 -30.00 -0.23 8.21
C TYR D 48 -31.31 0.53 8.00
N ASP D 49 -31.27 1.52 7.12
CA ASP D 49 -32.43 2.34 6.81
C ASP D 49 -33.01 2.96 8.08
N THR D 50 -32.10 3.48 8.91
CA THR D 50 -32.39 4.24 10.13
C THR D 50 -32.92 3.40 11.28
N SER D 51 -33.93 2.56 11.05
CA SER D 51 -34.59 1.87 12.16
C SER D 51 -34.82 0.38 11.94
N LYS D 52 -34.42 -0.19 10.80
CA LYS D 52 -34.63 -1.62 10.56
C LYS D 52 -33.49 -2.42 11.18
N LEU D 53 -33.82 -3.30 12.11
CA LEU D 53 -32.82 -4.15 12.74
C LEU D 53 -32.46 -5.30 11.81
N ALA D 54 -31.15 -5.53 11.64
CA ALA D 54 -30.69 -6.66 10.86
C ALA D 54 -30.90 -7.95 11.63
N SER D 55 -30.80 -9.08 10.92
CA SER D 55 -31.07 -10.36 11.55
C SER D 55 -30.03 -10.68 12.59
N GLY D 56 -30.49 -11.23 13.72
CA GLY D 56 -29.63 -11.52 14.84
C GLY D 56 -29.46 -10.39 15.84
N VAL D 57 -29.91 -9.18 15.50
CA VAL D 57 -29.82 -8.04 16.41
C VAL D 57 -30.93 -8.16 17.45
N PRO D 58 -30.60 -8.19 18.73
CA PRO D 58 -31.64 -8.31 19.76
C PRO D 58 -32.52 -7.06 19.83
N ALA D 59 -33.73 -7.27 20.32
CA ALA D 59 -34.78 -6.26 20.30
C ALA D 59 -34.44 -5.04 21.15
N ARG D 60 -33.43 -5.12 22.02
CA ARG D 60 -33.04 -3.97 22.83
C ARG D 60 -32.39 -2.86 22.01
N PHE D 61 -32.05 -3.12 20.75
CA PHE D 61 -31.52 -2.08 19.87
C PHE D 61 -32.65 -1.39 19.11
N SER D 62 -32.42 -0.13 18.76
CA SER D 62 -33.34 0.67 18.00
C SER D 62 -32.58 1.85 17.41
N GLY D 63 -33.07 2.36 16.29
CA GLY D 63 -32.51 3.55 15.68
C GLY D 63 -33.59 4.54 15.32
N SER D 64 -33.20 5.81 15.26
CA SER D 64 -34.14 6.88 14.96
C SER D 64 -33.37 8.08 14.43
N GLY D 65 -34.07 8.92 13.67
CA GLY D 65 -33.48 10.16 13.22
C GLY D 65 -34.18 10.73 12.02
N SER D 66 -33.79 11.96 11.69
CA SER D 66 -34.25 12.64 10.49
C SER D 66 -33.35 13.85 10.25
N GLY D 67 -33.31 14.30 9.00
CA GLY D 67 -32.48 15.43 8.64
C GLY D 67 -31.01 15.16 8.77
N THR D 68 -30.37 15.74 9.78
CA THR D 68 -28.94 15.59 10.01
C THR D 68 -28.59 14.80 11.26
N ASP D 69 -29.58 14.42 12.06
CA ASP D 69 -29.32 13.82 13.37
C ASP D 69 -29.95 12.44 13.44
N TYR D 70 -29.11 11.42 13.61
CA TYR D 70 -29.52 10.03 13.72
C TYR D 70 -28.88 9.43 14.96
N SER D 71 -29.52 8.38 15.50
CA SER D 71 -29.09 7.82 16.77
C SER D 71 -29.25 6.31 16.79
N LEU D 72 -28.61 5.69 17.77
CA LEU D 72 -28.73 4.29 18.07
C LEU D 72 -28.91 4.14 19.57
N THR D 73 -29.80 3.27 19.99
CA THR D 73 -30.15 3.13 21.39
C THR D 73 -30.14 1.67 21.80
N ILE D 74 -29.71 1.42 23.04
CA ILE D 74 -29.84 0.12 23.68
C ILE D 74 -30.64 0.33 24.97
N SER D 75 -31.81 -0.29 25.05
CA SER D 75 -32.65 -0.12 26.23
C SER D 75 -31.98 -0.63 27.50
N SER D 76 -31.19 -1.69 27.38
CA SER D 76 -30.47 -2.23 28.54
C SER D 76 -29.15 -2.79 28.04
N MET D 77 -28.05 -2.28 28.60
CA MET D 77 -26.72 -2.69 28.18
C MET D 77 -26.42 -4.12 28.61
N GLU D 78 -26.02 -4.95 27.66
CA GLU D 78 -25.52 -6.28 27.91
C GLU D 78 -24.04 -6.35 27.58
N PRO D 79 -23.27 -7.22 28.25
CA PRO D 79 -21.83 -7.30 27.95
C PRO D 79 -21.52 -7.61 26.50
N GLU D 80 -22.38 -8.38 25.82
CA GLU D 80 -22.15 -8.76 24.43
C GLU D 80 -22.33 -7.59 23.46
N ASP D 81 -22.88 -6.46 23.91
CA ASP D 81 -23.07 -5.29 23.06
C ASP D 81 -21.83 -4.43 22.94
N ALA D 82 -20.77 -4.72 23.70
CA ALA D 82 -19.57 -3.89 23.69
C ALA D 82 -18.85 -4.06 22.37
N ALA D 83 -18.67 -2.96 21.63
CA ALA D 83 -18.10 -2.97 20.30
C ALA D 83 -17.97 -1.53 19.85
N THR D 84 -17.51 -1.34 18.62
CA THR D 84 -17.43 -0.03 17.99
C THR D 84 -18.51 0.04 16.92
N TYR D 85 -19.33 1.09 16.97
CA TYR D 85 -20.45 1.25 16.06
C TYR D 85 -20.16 2.40 15.09
N TYR D 86 -20.24 2.11 13.80
CA TYR D 86 -20.03 3.10 12.75
C TYR D 86 -21.34 3.40 12.05
N CYS D 87 -21.58 4.67 11.75
CA CYS D 87 -22.69 5.07 10.90
C CYS D 87 -22.18 5.41 9.51
N HIS D 88 -23.01 5.13 8.50
CA HIS D 88 -22.60 5.37 7.13
C HIS D 88 -23.82 5.39 6.22
N GLN D 89 -23.70 6.16 5.14
CA GLN D 89 -24.75 6.30 4.13
C GLN D 89 -24.06 6.59 2.81
N ARG D 90 -24.70 6.18 1.70
CA ARG D 90 -24.08 6.23 0.39
C ARG D 90 -23.57 7.63 0.02
N GLY D 91 -24.05 8.68 0.70
CA GLY D 91 -23.62 10.04 0.45
C GLY D 91 -22.31 10.44 1.09
N SER D 92 -21.57 9.48 1.66
CA SER D 92 -20.30 9.75 2.32
C SER D 92 -19.25 8.76 1.84
N TYR D 93 -18.02 9.25 1.68
CA TYR D 93 -16.89 8.39 1.34
C TYR D 93 -16.19 7.83 2.56
N THR D 94 -16.32 8.49 3.71
CA THR D 94 -15.83 7.97 4.97
C THR D 94 -17.01 7.57 5.83
N PHE D 95 -16.84 6.49 6.59
CA PHE D 95 -17.83 6.14 7.59
C PHE D 95 -17.82 7.19 8.70
N GLY D 96 -18.81 7.09 9.60
CA GLY D 96 -18.72 7.86 10.83
C GLY D 96 -17.47 7.48 11.60
N GLY D 97 -16.97 8.44 12.40
CA GLY D 97 -15.74 8.21 13.14
C GLY D 97 -15.82 7.08 14.16
N GLY D 98 -17.01 6.54 14.39
CA GLY D 98 -17.17 5.42 15.30
C GLY D 98 -17.41 5.81 16.74
N THR D 99 -18.21 5.01 17.43
CA THR D 99 -18.41 5.13 18.87
C THR D 99 -18.01 3.80 19.50
N LYS D 100 -16.90 3.80 20.22
CA LYS D 100 -16.47 2.59 20.93
C LYS D 100 -17.27 2.49 22.22
N LEU D 101 -18.16 1.50 22.29
CA LEU D 101 -18.98 1.26 23.46
C LEU D 101 -18.33 0.15 24.28
N GLU D 102 -17.93 0.47 25.51
CA GLU D 102 -17.30 -0.49 26.41
C GLU D 102 -18.22 -0.76 27.60
N ILE D 103 -17.81 -1.73 28.40
CA ILE D 103 -18.49 -2.05 29.65
C ILE D 103 -17.86 -1.25 30.77
N LYS D 104 -18.67 -0.52 31.53
CA LYS D 104 -18.19 0.21 32.68
C LYS D 104 -18.24 -0.68 33.91
N ARG D 105 -17.10 -0.84 34.56
CA ARG D 105 -16.95 -1.57 35.81
C ARG D 105 -16.50 -0.59 36.90
N THR D 106 -16.22 -1.11 38.09
CA THR D 106 -15.68 -0.28 39.15
C THR D 106 -14.22 0.08 38.85
N VAL D 107 -13.75 1.15 39.48
CA VAL D 107 -12.39 1.61 39.30
C VAL D 107 -11.42 0.59 39.88
N ALA D 108 -10.38 0.26 39.12
CA ALA D 108 -9.32 -0.62 39.57
C ALA D 108 -7.98 0.00 39.18
N ALA D 109 -7.10 0.18 40.16
CA ALA D 109 -5.79 0.76 39.92
C ALA D 109 -4.84 -0.29 39.34
N PRO D 110 -3.97 0.10 38.42
CA PRO D 110 -3.09 -0.89 37.78
C PRO D 110 -2.01 -1.39 38.74
N SER D 111 -1.72 -2.68 38.65
CA SER D 111 -0.57 -3.26 39.33
C SER D 111 0.64 -3.12 38.41
N VAL D 112 1.64 -2.38 38.86
CA VAL D 112 2.77 -2.00 38.03
C VAL D 112 3.93 -2.94 38.29
N PHE D 113 4.57 -3.38 37.21
CA PHE D 113 5.73 -4.25 37.27
C PHE D 113 6.76 -3.75 36.26
N ILE D 114 8.04 -3.83 36.63
CA ILE D 114 9.14 -3.46 35.76
C ILE D 114 10.05 -4.66 35.62
N PHE D 115 10.62 -4.83 34.42
CA PHE D 115 11.48 -5.97 34.12
C PHE D 115 12.78 -5.46 33.52
N PRO D 116 13.93 -5.76 34.12
CA PRO D 116 15.21 -5.44 33.48
C PRO D 116 15.43 -6.31 32.26
N PRO D 117 16.34 -5.93 31.37
CA PRO D 117 16.65 -6.81 30.23
C PRO D 117 17.38 -8.07 30.72
N SER D 118 17.05 -9.19 30.08
CA SER D 118 17.69 -10.45 30.42
C SER D 118 19.15 -10.45 29.98
N ASP D 119 19.95 -11.30 30.63
CA ASP D 119 21.36 -11.41 30.23
C ASP D 119 21.50 -11.98 28.82
N GLU D 120 20.62 -12.91 28.45
CA GLU D 120 20.68 -13.48 27.11
C GLU D 120 20.50 -12.42 26.04
N GLN D 121 19.59 -11.46 26.25
CA GLN D 121 19.38 -10.41 25.26
C GLN D 121 20.54 -9.43 25.24
N LEU D 122 21.11 -9.11 26.40
CA LEU D 122 22.22 -8.17 26.45
C LEU D 122 23.44 -8.68 25.70
N LYS D 123 23.62 -10.00 25.65
CA LYS D 123 24.72 -10.56 24.87
C LYS D 123 24.57 -10.33 23.37
N SER D 124 23.42 -9.82 22.92
CA SER D 124 23.19 -9.54 21.51
C SER D 124 23.23 -8.06 21.18
N GLY D 125 23.44 -7.19 22.17
CA GLY D 125 23.65 -5.77 21.91
C GLY D 125 22.46 -4.87 22.13
N THR D 126 21.29 -5.41 22.50
CA THR D 126 20.08 -4.63 22.69
C THR D 126 19.52 -4.86 24.08
N ALA D 127 19.06 -3.78 24.72
CA ALA D 127 18.42 -3.86 26.03
C ALA D 127 16.96 -3.44 25.90
N SER D 128 16.06 -4.29 26.40
CA SER D 128 14.63 -3.99 26.43
C SER D 128 14.17 -3.97 27.88
N VAL D 129 13.64 -2.83 28.31
CA VAL D 129 13.06 -2.66 29.63
C VAL D 129 11.56 -2.62 29.48
N VAL D 130 10.85 -3.49 30.21
CA VAL D 130 9.42 -3.66 30.06
C VAL D 130 8.73 -3.17 31.32
N CYS D 131 7.69 -2.36 31.15
CA CYS D 131 6.85 -1.86 32.24
C CYS D 131 5.43 -2.36 32.00
N LEU D 132 4.89 -3.09 32.97
CA LEU D 132 3.58 -3.73 32.85
C LEU D 132 2.56 -3.03 33.73
N LEU D 133 1.41 -2.72 33.15
CA LEU D 133 0.26 -2.18 33.87
C LEU D 133 -0.87 -3.20 33.75
N ASN D 134 -1.21 -3.86 34.85
CA ASN D 134 -2.08 -5.03 34.81
C ASN D 134 -3.45 -4.73 35.43
N ASN D 135 -4.50 -5.07 34.68
CA ASN D 135 -5.88 -5.12 35.17
C ASN D 135 -6.34 -3.81 35.81
N PHE D 136 -6.50 -2.80 34.96
CA PHE D 136 -6.95 -1.49 35.43
C PHE D 136 -8.17 -1.03 34.63
N TYR D 137 -8.92 -0.10 35.24
CA TYR D 137 -10.08 0.53 34.63
C TYR D 137 -10.37 1.80 35.42
N PRO D 138 -10.68 2.92 34.76
CA PRO D 138 -10.84 3.08 33.31
C PRO D 138 -9.53 3.05 32.52
N ARG D 139 -9.66 3.22 31.20
CA ARG D 139 -8.52 3.03 30.30
C ARG D 139 -7.46 4.12 30.45
N GLU D 140 -7.85 5.31 30.90
CA GLU D 140 -6.93 6.45 30.87
C GLU D 140 -5.76 6.24 31.84
N ALA D 141 -4.55 6.48 31.35
CA ALA D 141 -3.35 6.25 32.14
C ALA D 141 -2.21 7.04 31.53
N LYS D 142 -1.13 7.17 32.30
CA LYS D 142 0.06 7.87 31.84
C LYS D 142 1.28 7.08 32.30
N VAL D 143 2.14 6.72 31.34
CA VAL D 143 3.38 6.01 31.63
C VAL D 143 4.53 6.91 31.23
N GLN D 144 5.51 7.05 32.13
CA GLN D 144 6.67 7.87 31.89
C GLN D 144 7.91 7.09 32.27
N TRP D 145 8.87 7.01 31.35
CA TRP D 145 10.14 6.35 31.59
C TRP D 145 11.17 7.36 32.09
N LYS D 146 11.86 7.01 33.18
CA LYS D 146 12.88 7.88 33.77
C LYS D 146 14.20 7.11 33.87
N VAL D 147 15.19 7.53 33.10
CA VAL D 147 16.54 6.96 33.15
C VAL D 147 17.43 7.97 33.85
N ASP D 148 17.88 7.63 35.06
CA ASP D 148 18.61 8.56 35.94
C ASP D 148 17.83 9.87 36.08
N ASN D 149 16.53 9.74 36.35
CA ASN D 149 15.60 10.86 36.53
C ASN D 149 15.49 11.75 35.28
N ALA D 150 15.82 11.23 34.11
CA ALA D 150 15.66 11.95 32.86
C ALA D 150 14.53 11.30 32.06
N LEU D 151 13.55 12.10 31.67
CA LEU D 151 12.38 11.58 30.96
C LEU D 151 12.77 11.11 29.57
N GLN D 152 12.46 9.86 29.26
CA GLN D 152 12.69 9.37 27.91
C GLN D 152 11.58 9.83 26.99
N SER D 153 11.88 9.82 25.69
CA SER D 153 10.96 10.34 24.68
C SER D 153 11.25 9.68 23.35
N GLY D 154 10.27 8.95 22.82
CA GLY D 154 10.36 8.37 21.50
C GLY D 154 11.01 6.99 21.44
N ASN D 155 11.81 6.62 22.45
CA ASN D 155 12.51 5.35 22.46
C ASN D 155 11.71 4.25 23.14
N SER D 156 10.38 4.34 23.12
CA SER D 156 9.54 3.32 23.74
C SER D 156 8.30 3.11 22.89
N GLN D 157 7.77 1.88 22.95
CA GLN D 157 6.49 1.54 22.35
C GLN D 157 5.62 0.86 23.39
N GLU D 158 4.33 1.11 23.34
CA GLU D 158 3.40 0.52 24.28
C GLU D 158 2.33 -0.27 23.53
N SER D 159 1.77 -1.27 24.21
CA SER D 159 0.75 -2.15 23.67
C SER D 159 -0.34 -2.32 24.73
N VAL D 160 -1.60 -2.26 24.30
CA VAL D 160 -2.73 -2.38 25.20
C VAL D 160 -3.64 -3.49 24.69
N THR D 161 -4.12 -4.32 25.62
CA THR D 161 -5.08 -5.35 25.25
C THR D 161 -6.49 -4.76 25.12
N GLU D 162 -7.36 -5.52 24.48
CA GLU D 162 -8.77 -5.20 24.48
C GLU D 162 -9.37 -5.46 25.86
N GLN D 163 -10.59 -4.96 26.06
CA GLN D 163 -11.23 -5.11 27.36
C GLN D 163 -11.47 -6.58 27.67
N ASP D 164 -10.96 -7.01 28.83
CA ASP D 164 -11.01 -8.42 29.19
C ASP D 164 -12.44 -8.93 29.32
N SER D 165 -12.68 -10.13 28.82
CA SER D 165 -14.01 -10.74 28.89
C SER D 165 -14.37 -11.25 30.27
N LYS D 166 -13.40 -11.41 31.17
CA LYS D 166 -13.70 -11.92 32.49
C LYS D 166 -13.99 -10.80 33.49
N ASP D 167 -13.10 -9.81 33.59
CA ASP D 167 -13.24 -8.77 34.61
C ASP D 167 -13.33 -7.36 34.03
N SER D 168 -13.40 -7.23 32.69
CA SER D 168 -13.59 -5.94 32.00
C SER D 168 -12.45 -4.96 32.23
N THR D 169 -11.28 -5.42 32.64
CA THR D 169 -10.15 -4.52 32.85
C THR D 169 -9.31 -4.43 31.59
N TYR D 170 -8.32 -3.53 31.66
CA TYR D 170 -7.34 -3.32 30.60
C TYR D 170 -5.96 -3.69 31.13
N SER D 171 -5.03 -3.94 30.20
CA SER D 171 -3.64 -4.16 30.57
C SER D 171 -2.76 -3.51 29.51
N LEU D 172 -1.63 -2.96 29.97
CA LEU D 172 -0.77 -2.15 29.12
C LEU D 172 0.68 -2.53 29.39
N SER D 173 1.44 -2.75 28.33
CA SER D 173 2.87 -3.02 28.44
C SER D 173 3.63 -1.94 27.68
N SER D 174 4.61 -1.34 28.34
CA SER D 174 5.50 -0.37 27.71
C SER D 174 6.89 -0.97 27.66
N THR D 175 7.52 -0.90 26.49
CA THR D 175 8.85 -1.45 26.28
C THR D 175 9.80 -0.30 25.93
N LEU D 176 10.76 -0.05 26.80
CA LEU D 176 11.85 0.89 26.53
C LEU D 176 13.03 0.10 25.97
N THR D 177 13.52 0.54 24.82
CA THR D 177 14.57 -0.18 24.10
C THR D 177 15.80 0.71 23.95
N LEU D 178 16.95 0.18 24.39
CA LEU D 178 18.24 0.86 24.28
C LEU D 178 19.28 -0.11 23.74
N SER D 179 20.33 0.47 23.17
CA SER D 179 21.51 -0.32 22.84
C SER D 179 22.19 -0.76 24.12
N LYS D 180 22.90 -1.90 24.05
CA LYS D 180 23.64 -2.37 25.22
C LYS D 180 24.62 -1.32 25.72
N ALA D 181 25.26 -0.59 24.81
CA ALA D 181 26.21 0.43 25.21
C ALA D 181 25.53 1.53 26.00
N ASP D 182 24.44 2.10 25.46
CA ASP D 182 23.70 3.13 26.18
C ASP D 182 23.12 2.59 27.49
N TYR D 183 22.72 1.32 27.51
CA TYR D 183 22.15 0.73 28.72
C TYR D 183 23.17 0.71 29.85
N GLU D 184 24.41 0.32 29.56
CA GLU D 184 25.46 0.22 30.56
C GLU D 184 25.98 1.59 31.02
N LYS D 185 25.50 2.67 30.42
CA LYS D 185 25.94 4.02 30.76
C LYS D 185 25.04 4.68 31.81
N HIS D 186 24.05 3.97 32.34
CA HIS D 186 23.13 4.54 33.31
C HIS D 186 22.83 3.52 34.38
N LYS D 187 22.31 4.01 35.52
CA LYS D 187 22.16 3.17 36.70
C LYS D 187 20.69 2.79 36.94
N VAL D 188 19.85 3.77 37.21
CA VAL D 188 18.47 3.52 37.66
C VAL D 188 17.52 3.67 36.48
N TYR D 189 16.71 2.64 36.25
CA TYR D 189 15.68 2.64 35.22
C TYR D 189 14.33 2.56 35.91
N ALA D 190 13.37 3.37 35.47
CA ALA D 190 12.11 3.47 36.18
C ALA D 190 11.00 3.88 35.23
N CYS D 191 9.80 3.38 35.52
CA CYS D 191 8.58 3.86 34.88
C CYS D 191 7.62 4.35 35.96
N GLU D 192 7.02 5.50 35.72
CA GLU D 192 6.08 6.11 36.65
C GLU D 192 4.68 6.06 36.05
N VAL D 193 3.71 5.63 36.85
CA VAL D 193 2.35 5.40 36.37
C VAL D 193 1.39 6.27 37.18
N THR D 194 0.54 7.02 36.48
CA THR D 194 -0.58 7.71 37.09
C THR D 194 -1.88 7.13 36.56
N HIS D 195 -2.89 7.10 37.42
CA HIS D 195 -4.20 6.57 37.09
C HIS D 195 -5.20 7.15 38.08
N GLN D 196 -6.47 7.27 37.66
CA GLN D 196 -7.44 7.92 38.53
C GLN D 196 -7.75 7.09 39.78
N GLY D 197 -7.44 5.79 39.75
CA GLY D 197 -7.54 4.99 40.96
C GLY D 197 -6.40 5.16 41.94
N LEU D 198 -5.32 5.83 41.54
CA LEU D 198 -4.13 5.97 42.38
C LEU D 198 -4.06 7.36 42.99
N SER D 199 -3.97 7.42 44.32
CA SER D 199 -3.80 8.69 45.01
C SER D 199 -2.58 9.44 44.51
N SER D 200 -1.42 8.78 44.51
CA SER D 200 -0.19 9.34 43.99
C SER D 200 0.39 8.42 42.93
N PRO D 201 1.24 8.94 42.05
CA PRO D 201 1.85 8.08 41.02
C PRO D 201 2.68 6.97 41.63
N VAL D 202 2.56 5.79 41.04
CA VAL D 202 3.35 4.62 41.44
C VAL D 202 4.58 4.55 40.56
N THR D 203 5.74 4.31 41.16
CA THR D 203 6.98 4.14 40.43
C THR D 203 7.58 2.78 40.79
N LYS D 204 7.96 2.03 39.77
CA LYS D 204 8.73 0.80 39.93
C LYS D 204 10.08 1.02 39.26
N SER D 205 11.16 0.63 39.94
CA SER D 205 12.49 0.92 39.44
C SER D 205 13.44 -0.21 39.81
N PHE D 206 14.63 -0.14 39.22
CA PHE D 206 15.73 -1.02 39.56
C PHE D 206 17.04 -0.33 39.23
N ASN D 207 18.12 -0.82 39.83
CA ASN D 207 19.47 -0.39 39.51
C ASN D 207 20.13 -1.43 38.63
N ARG D 208 20.81 -0.96 37.58
CA ARG D 208 21.51 -1.86 36.68
C ARG D 208 22.54 -2.67 37.45
N GLY D 209 22.57 -3.98 37.20
CA GLY D 209 23.44 -4.87 37.94
C GLY D 209 22.91 -5.32 39.27
N GLU D 210 21.69 -4.93 39.64
CA GLU D 210 21.07 -5.31 40.91
C GLU D 210 21.93 -4.92 42.11
N GLN E 1 22.85 -31.59 -28.75
CA GLN E 1 22.78 -30.24 -28.17
C GLN E 1 21.58 -30.11 -27.23
N VAL E 2 21.73 -29.29 -26.20
CA VAL E 2 20.71 -29.19 -25.16
C VAL E 2 19.48 -28.50 -25.72
N GLN E 3 18.31 -29.12 -25.55
CA GLN E 3 17.04 -28.53 -25.92
C GLN E 3 16.06 -28.68 -24.75
N LEU E 4 15.32 -27.60 -24.48
CA LEU E 4 14.27 -27.57 -23.48
C LEU E 4 12.98 -27.18 -24.21
N VAL E 5 12.19 -28.18 -24.60
CA VAL E 5 11.02 -27.98 -25.44
C VAL E 5 9.81 -27.74 -24.55
N GLN E 6 9.18 -26.57 -24.73
CA GLN E 6 7.91 -26.25 -24.09
C GLN E 6 6.85 -26.00 -25.16
N PRO E 7 5.60 -26.35 -24.88
CA PRO E 7 4.51 -25.95 -25.78
C PRO E 7 4.37 -24.43 -25.83
N GLY E 8 3.94 -23.95 -27.00
CA GLY E 8 3.95 -22.51 -27.23
C GLY E 8 2.94 -21.75 -26.40
N ALA E 9 1.70 -22.25 -26.34
CA ALA E 9 0.64 -21.50 -25.68
C ALA E 9 -0.44 -22.45 -25.19
N GLU E 10 -1.21 -21.96 -24.22
CA GLU E 10 -2.36 -22.68 -23.68
C GLU E 10 -3.35 -21.68 -23.12
N VAL E 11 -4.64 -21.93 -23.35
CA VAL E 11 -5.72 -21.13 -22.82
C VAL E 11 -6.44 -21.96 -21.77
N VAL E 12 -6.50 -21.46 -20.53
CA VAL E 12 -7.08 -22.19 -19.42
C VAL E 12 -8.16 -21.35 -18.77
N LYS E 13 -9.20 -22.02 -18.27
CA LYS E 13 -10.31 -21.35 -17.62
C LYS E 13 -9.94 -21.00 -16.18
N PRO E 14 -10.33 -19.81 -15.70
CA PRO E 14 -10.02 -19.45 -14.31
C PRO E 14 -10.65 -20.45 -13.35
N GLY E 15 -9.93 -20.71 -12.25
CA GLY E 15 -10.33 -21.70 -11.27
C GLY E 15 -9.75 -23.09 -11.52
N ALA E 16 -9.43 -23.41 -12.77
CA ALA E 16 -8.92 -24.74 -13.10
C ALA E 16 -7.40 -24.77 -12.88
N SER E 17 -6.76 -25.84 -13.32
CA SER E 17 -5.32 -25.98 -13.21
C SER E 17 -4.75 -26.37 -14.56
N VAL E 18 -3.42 -26.34 -14.65
CA VAL E 18 -2.72 -26.65 -15.89
C VAL E 18 -1.35 -27.21 -15.54
N LYS E 19 -0.93 -28.22 -16.31
CA LYS E 19 0.34 -28.91 -16.08
C LYS E 19 1.26 -28.60 -17.25
N LEU E 20 2.20 -27.68 -17.05
CA LEU E 20 3.12 -27.29 -18.10
C LEU E 20 4.29 -28.29 -18.19
N SER E 21 4.68 -28.61 -19.41
CA SER E 21 5.69 -29.61 -19.68
C SER E 21 6.95 -28.97 -20.22
N CYS E 22 8.09 -29.58 -19.90
CA CYS E 22 9.41 -29.14 -20.35
C CYS E 22 10.20 -30.41 -20.69
N LYS E 23 10.21 -30.77 -21.96
CA LYS E 23 10.84 -32.00 -22.40
C LYS E 23 12.27 -31.73 -22.85
N THR E 24 13.23 -32.38 -22.20
CA THR E 24 14.64 -32.11 -22.44
C THR E 24 15.24 -33.15 -23.39
N SER E 25 16.36 -32.75 -24.01
CA SER E 25 17.12 -33.66 -24.85
C SER E 25 18.54 -33.11 -24.99
N GLY E 26 19.48 -34.02 -25.24
CA GLY E 26 20.86 -33.65 -25.45
C GLY E 26 21.76 -33.77 -24.23
N TYR E 27 21.23 -34.22 -23.10
CA TYR E 27 22.02 -34.40 -21.89
C TYR E 27 21.30 -35.35 -20.97
N THR E 28 21.99 -35.78 -19.92
CA THR E 28 21.40 -36.67 -18.92
C THR E 28 20.51 -35.85 -17.99
N PHE E 29 19.21 -36.13 -18.03
CA PHE E 29 18.23 -35.28 -17.37
C PHE E 29 18.50 -35.13 -15.88
N THR E 30 18.92 -36.20 -15.22
CA THR E 30 19.13 -36.17 -13.78
C THR E 30 20.40 -35.45 -13.36
N SER E 31 21.17 -34.90 -14.30
CA SER E 31 22.42 -34.24 -13.99
C SER E 31 22.25 -32.77 -13.63
N ASN E 32 21.07 -32.18 -13.80
CA ASN E 32 20.92 -30.74 -13.62
C ASN E 32 19.58 -30.43 -12.97
N TRP E 33 19.62 -29.53 -11.98
CA TRP E 33 18.39 -28.98 -11.43
C TRP E 33 17.63 -28.22 -12.51
N MET E 34 16.30 -28.24 -12.40
CA MET E 34 15.44 -27.54 -13.34
C MET E 34 14.72 -26.41 -12.61
N HIS E 35 14.73 -25.23 -13.22
CA HIS E 35 14.08 -24.05 -12.66
C HIS E 35 12.87 -23.68 -13.51
N TRP E 36 11.96 -22.93 -12.89
CA TRP E 36 10.79 -22.40 -13.57
C TRP E 36 10.67 -20.91 -13.24
N VAL E 37 10.38 -20.11 -14.26
CA VAL E 37 10.42 -18.65 -14.16
C VAL E 37 9.13 -18.09 -14.75
N LYS E 38 8.48 -17.20 -14.00
CA LYS E 38 7.25 -16.57 -14.43
C LYS E 38 7.54 -15.17 -14.96
N GLN E 39 6.87 -14.79 -16.05
CA GLN E 39 6.97 -13.43 -16.58
C GLN E 39 5.57 -12.99 -17.01
N ALA E 40 4.90 -12.25 -16.12
CA ALA E 40 3.63 -11.63 -16.46
C ALA E 40 3.84 -10.62 -17.59
N PRO E 41 2.78 -10.27 -18.31
CA PRO E 41 2.93 -9.35 -19.45
C PRO E 41 3.51 -8.01 -19.05
N GLY E 42 4.55 -7.58 -19.76
CA GLY E 42 5.19 -6.30 -19.52
C GLY E 42 6.01 -6.20 -18.26
N GLN E 43 6.09 -7.25 -17.45
CA GLN E 43 6.78 -7.22 -16.17
C GLN E 43 8.12 -7.94 -16.27
N GLY E 44 8.77 -8.14 -15.12
CA GLY E 44 10.09 -8.73 -15.06
C GLY E 44 10.04 -10.24 -14.86
N LEU E 45 11.22 -10.80 -14.60
CA LEU E 45 11.36 -12.23 -14.36
C LEU E 45 11.14 -12.53 -12.88
N GLU E 46 10.24 -13.47 -12.60
CA GLU E 46 9.97 -13.92 -11.25
C GLU E 46 10.36 -15.38 -11.14
N TRP E 47 11.08 -15.73 -10.07
CA TRP E 47 11.56 -17.09 -9.87
C TRP E 47 10.52 -17.88 -9.08
N ILE E 48 10.14 -19.04 -9.61
CA ILE E 48 9.10 -19.85 -8.98
C ILE E 48 9.74 -20.85 -8.04
N GLY E 49 10.62 -21.68 -8.58
CA GLY E 49 11.26 -22.69 -7.76
C GLY E 49 12.19 -23.54 -8.59
N GLU E 50 12.64 -24.63 -7.97
CA GLU E 50 13.60 -25.53 -8.58
C GLU E 50 13.30 -26.94 -8.11
N ILE E 51 13.75 -27.91 -8.90
CA ILE E 51 13.59 -29.32 -8.59
C ILE E 51 14.83 -30.07 -9.02
N ASP E 52 15.29 -30.99 -8.17
CA ASP E 52 16.38 -31.88 -8.50
C ASP E 52 15.77 -33.14 -9.10
N PRO E 53 15.99 -33.44 -10.37
CA PRO E 53 15.35 -34.61 -10.99
C PRO E 53 15.81 -35.95 -10.42
N SER E 54 16.92 -35.98 -9.67
CA SER E 54 17.42 -37.23 -9.13
C SER E 54 16.50 -37.80 -8.06
N ASP E 55 16.04 -36.95 -7.13
CA ASP E 55 15.16 -37.41 -6.06
C ASP E 55 13.93 -36.52 -5.90
N SER E 56 13.70 -35.59 -6.85
CA SER E 56 12.52 -34.71 -6.88
C SER E 56 12.50 -33.73 -5.71
N TYR E 57 13.64 -33.44 -5.09
CA TYR E 57 13.67 -32.41 -4.06
C TYR E 57 13.34 -31.07 -4.67
N THR E 58 12.52 -30.28 -3.97
CA THR E 58 12.00 -29.02 -4.49
C THR E 58 12.18 -27.91 -3.47
N ASN E 59 12.54 -26.73 -3.97
CA ASN E 59 12.58 -25.50 -3.18
C ASN E 59 11.75 -24.46 -3.92
N TYR E 60 10.81 -23.84 -3.23
CA TYR E 60 9.88 -22.92 -3.86
C TYR E 60 10.12 -21.49 -3.40
N ASN E 61 9.81 -20.55 -4.29
CA ASN E 61 9.56 -19.18 -3.87
C ASN E 61 8.39 -19.18 -2.89
N GLN E 62 8.55 -18.43 -1.79
CA GLN E 62 7.57 -18.43 -0.72
C GLN E 62 6.19 -18.02 -1.22
N ASN E 63 6.13 -17.18 -2.25
CA ASN E 63 4.85 -16.70 -2.79
C ASN E 63 4.18 -17.71 -3.71
N PHE E 64 4.81 -18.84 -3.99
CA PHE E 64 4.23 -19.87 -4.84
C PHE E 64 3.95 -21.17 -4.11
N GLN E 65 4.22 -21.25 -2.81
CA GLN E 65 3.86 -22.43 -2.03
C GLN E 65 2.36 -22.65 -2.10
N GLY E 66 1.95 -23.82 -2.60
CA GLY E 66 0.55 -24.13 -2.79
C GLY E 66 -0.04 -23.67 -4.10
N LYS E 67 0.66 -22.80 -4.84
CA LYS E 67 0.20 -22.35 -6.14
C LYS E 67 0.83 -23.15 -7.27
N ALA E 68 2.10 -23.46 -7.16
CA ALA E 68 2.84 -24.23 -8.15
C ALA E 68 3.48 -25.44 -7.48
N LYS E 69 3.38 -26.60 -8.14
CA LYS E 69 3.96 -27.84 -7.65
C LYS E 69 4.80 -28.44 -8.76
N LEU E 70 6.12 -28.49 -8.53
CA LEU E 70 7.04 -29.07 -9.50
C LEU E 70 7.11 -30.57 -9.34
N THR E 71 7.21 -31.28 -10.47
CA THR E 71 7.42 -32.72 -10.51
C THR E 71 8.36 -33.04 -11.67
N VAL E 72 8.76 -34.31 -11.72
CA VAL E 72 9.73 -34.76 -12.72
C VAL E 72 9.35 -36.17 -13.16
N ASP E 73 9.60 -36.48 -14.43
CA ASP E 73 9.53 -37.85 -14.94
C ASP E 73 10.86 -38.19 -15.57
N LYS E 74 11.66 -39.01 -14.87
CA LYS E 74 12.96 -39.41 -15.40
C LYS E 74 12.83 -40.26 -16.65
N SER E 75 11.77 -41.07 -16.76
CA SER E 75 11.68 -42.03 -17.85
C SER E 75 11.56 -41.34 -19.21
N THR E 76 11.04 -40.11 -19.24
CA THR E 76 10.97 -39.34 -20.48
C THR E 76 11.78 -38.05 -20.42
N SER E 77 12.56 -37.84 -19.35
CA SER E 77 13.44 -36.69 -19.23
C SER E 77 12.65 -35.39 -19.39
N THR E 78 11.59 -35.27 -18.60
CA THR E 78 10.67 -34.16 -18.73
C THR E 78 10.33 -33.63 -17.34
N ALA E 79 10.40 -32.31 -17.19
CA ALA E 79 10.01 -31.63 -15.97
C ALA E 79 8.62 -31.01 -16.17
N TYR E 80 7.85 -31.00 -15.09
CA TYR E 80 6.49 -30.49 -15.12
C TYR E 80 6.30 -29.46 -14.01
N MET E 81 5.45 -28.48 -14.28
CA MET E 81 4.96 -27.57 -13.24
C MET E 81 3.45 -27.47 -13.33
N GLU E 82 2.78 -27.69 -12.21
CA GLU E 82 1.33 -27.63 -12.13
C GLU E 82 0.94 -26.37 -11.36
N VAL E 83 0.33 -25.43 -12.05
CA VAL E 83 -0.25 -24.24 -11.43
C VAL E 83 -1.73 -24.49 -11.25
N SER E 84 -2.21 -24.34 -10.01
CA SER E 84 -3.59 -24.60 -9.65
C SER E 84 -4.29 -23.30 -9.24
N SER E 85 -5.63 -23.38 -9.21
CA SER E 85 -6.51 -22.26 -8.85
C SER E 85 -6.16 -21.01 -9.67
N LEU E 86 -6.23 -21.17 -10.99
CA LEU E 86 -5.79 -20.12 -11.90
C LEU E 86 -6.73 -18.91 -11.85
N ARG E 87 -6.13 -17.73 -11.78
CA ARG E 87 -6.83 -16.46 -11.88
C ARG E 87 -6.18 -15.63 -12.99
N SER E 88 -6.72 -14.44 -13.22
CA SER E 88 -6.27 -13.63 -14.35
C SER E 88 -4.82 -13.20 -14.20
N ASP E 89 -4.34 -13.00 -12.97
CA ASP E 89 -2.96 -12.59 -12.76
C ASP E 89 -1.97 -13.74 -12.90
N ASP E 90 -2.45 -14.96 -13.11
CA ASP E 90 -1.55 -16.06 -13.48
C ASP E 90 -1.23 -16.08 -14.96
N THR E 91 -1.91 -15.25 -15.76
CA THR E 91 -1.58 -15.08 -17.17
C THR E 91 -0.13 -14.62 -17.31
N ALA E 92 0.74 -15.49 -17.83
CA ALA E 92 2.14 -15.14 -17.98
C ALA E 92 2.79 -16.09 -18.97
N VAL E 93 4.00 -15.75 -19.38
CA VAL E 93 4.88 -16.68 -20.05
C VAL E 93 5.67 -17.41 -18.96
N TYR E 94 5.62 -18.73 -18.98
CA TYR E 94 6.31 -19.55 -18.00
C TYR E 94 7.48 -20.27 -18.68
N TYR E 95 8.69 -20.01 -18.17
CA TYR E 95 9.92 -20.58 -18.69
C TYR E 95 10.39 -21.71 -17.79
N CYS E 96 10.94 -22.75 -18.39
CA CYS E 96 11.81 -23.69 -17.69
C CYS E 96 13.24 -23.39 -18.08
N ALA E 97 14.15 -23.51 -17.11
CA ALA E 97 15.56 -23.22 -17.36
C ALA E 97 16.40 -24.26 -16.64
N ARG E 98 17.41 -24.78 -17.34
CA ARG E 98 18.31 -25.75 -16.74
C ARG E 98 19.35 -25.05 -15.87
N GLY E 99 19.51 -25.52 -14.65
CA GLY E 99 20.57 -25.03 -13.79
C GLY E 99 21.88 -25.74 -14.12
N SER E 100 22.96 -24.97 -14.14
CA SER E 100 24.27 -25.54 -14.43
C SER E 100 24.78 -26.36 -13.25
N ASN E 101 25.74 -27.23 -13.54
CA ASN E 101 26.46 -28.01 -12.54
C ASN E 101 27.93 -27.84 -12.83
N PRO E 102 28.71 -27.17 -11.96
CA PRO E 102 28.32 -26.58 -10.67
C PRO E 102 27.31 -25.43 -10.78
N TYR E 103 26.55 -25.23 -9.70
CA TYR E 103 25.41 -24.32 -9.73
C TYR E 103 25.81 -22.89 -10.05
N TYR E 104 27.03 -22.48 -9.68
CA TYR E 104 27.44 -21.09 -9.87
C TYR E 104 27.82 -20.76 -11.32
N TYR E 105 27.44 -21.59 -12.29
CA TYR E 105 27.55 -21.22 -13.70
C TYR E 105 26.20 -20.80 -14.29
N ALA E 106 25.22 -20.52 -13.42
CA ALA E 106 23.94 -19.92 -13.81
C ALA E 106 23.07 -20.82 -14.68
N MET E 107 21.89 -20.34 -15.03
CA MET E 107 20.97 -21.10 -15.89
C MET E 107 21.41 -20.91 -17.34
N ASP E 108 22.01 -21.96 -17.92
CA ASP E 108 22.67 -21.87 -19.21
C ASP E 108 21.75 -22.10 -20.40
N TYR E 109 20.73 -22.95 -20.25
CA TYR E 109 19.78 -23.20 -21.32
C TYR E 109 18.36 -22.91 -20.83
N TRP E 110 17.62 -22.15 -21.63
CA TRP E 110 16.24 -21.78 -21.33
C TRP E 110 15.32 -22.33 -22.40
N GLY E 111 14.13 -22.76 -21.99
CA GLY E 111 13.09 -23.06 -22.94
C GLY E 111 12.52 -21.79 -23.56
N GLN E 112 11.73 -21.98 -24.62
CA GLN E 112 11.08 -20.87 -25.31
C GLN E 112 9.93 -20.28 -24.51
N GLY E 113 9.52 -20.92 -23.41
CA GLY E 113 8.42 -20.41 -22.61
C GLY E 113 7.04 -20.81 -23.11
N THR E 114 6.12 -21.09 -22.20
CA THR E 114 4.74 -21.41 -22.53
C THR E 114 3.87 -20.21 -22.19
N SER E 115 3.26 -19.61 -23.21
CA SER E 115 2.38 -18.46 -23.02
C SER E 115 1.04 -18.97 -22.50
N VAL E 116 0.78 -18.78 -21.20
CA VAL E 116 -0.46 -19.21 -20.59
C VAL E 116 -1.38 -18.01 -20.45
N THR E 117 -2.60 -18.13 -20.95
CA THR E 117 -3.63 -17.11 -20.83
C THR E 117 -4.77 -17.68 -20.01
N VAL E 118 -5.13 -16.99 -18.92
CA VAL E 118 -6.23 -17.40 -18.07
C VAL E 118 -7.41 -16.48 -18.37
N SER E 119 -8.44 -17.04 -19.00
CA SER E 119 -9.62 -16.28 -19.38
C SER E 119 -10.78 -17.23 -19.55
N SER E 120 -11.99 -16.70 -19.37
CA SER E 120 -13.21 -17.48 -19.54
C SER E 120 -13.84 -17.32 -20.91
N ALA E 121 -13.35 -16.40 -21.72
CA ALA E 121 -13.92 -16.16 -23.04
C ALA E 121 -13.72 -17.38 -23.94
N SER E 122 -14.59 -17.49 -24.94
CA SER E 122 -14.51 -18.53 -25.95
C SER E 122 -13.83 -18.00 -27.21
N THR E 123 -13.40 -18.93 -28.06
CA THR E 123 -12.76 -18.54 -29.30
C THR E 123 -13.71 -17.71 -30.15
N LYS E 124 -13.34 -16.47 -30.41
CA LYS E 124 -14.20 -15.52 -31.08
C LYS E 124 -13.39 -14.75 -32.11
N GLY E 125 -13.94 -14.59 -33.30
CA GLY E 125 -13.31 -13.82 -34.34
C GLY E 125 -13.37 -12.33 -34.06
N PRO E 126 -12.48 -11.56 -34.68
CA PRO E 126 -12.44 -10.12 -34.44
C PRO E 126 -13.38 -9.32 -35.31
N SER E 127 -13.79 -8.18 -34.78
CA SER E 127 -14.47 -7.15 -35.55
C SER E 127 -13.46 -6.10 -35.98
N VAL E 128 -13.45 -5.77 -37.27
CA VAL E 128 -12.48 -4.85 -37.85
C VAL E 128 -13.22 -3.59 -38.27
N PHE E 129 -12.77 -2.44 -37.77
CA PHE E 129 -13.38 -1.16 -38.07
C PHE E 129 -12.33 -0.22 -38.67
N PRO E 130 -12.72 0.63 -39.61
CA PRO E 130 -11.74 1.52 -40.25
C PRO E 130 -11.40 2.73 -39.40
N LEU E 131 -10.11 3.09 -39.39
CA LEU E 131 -9.64 4.34 -38.81
C LEU E 131 -9.48 5.32 -39.96
N ALA E 132 -10.54 6.08 -40.22
CA ALA E 132 -10.61 6.89 -41.43
C ALA E 132 -9.65 8.07 -41.34
N PRO E 133 -8.88 8.35 -42.39
CA PRO E 133 -7.98 9.50 -42.36
C PRO E 133 -8.74 10.82 -42.47
N SER E 134 -8.06 11.90 -42.09
CA SER E 134 -8.64 13.23 -42.14
C SER E 134 -7.59 14.29 -42.38
N GLY E 141 0.34 16.92 -46.24
CA GLY E 141 1.57 16.23 -46.58
C GLY E 141 1.50 14.73 -46.35
N THR E 142 1.57 14.33 -45.08
CA THR E 142 1.48 12.93 -44.68
C THR E 142 0.25 12.74 -43.80
N ALA E 143 -0.44 11.62 -44.00
CA ALA E 143 -1.67 11.32 -43.28
C ALA E 143 -1.63 9.88 -42.79
N ALA E 144 -2.35 9.62 -41.70
CA ALA E 144 -2.38 8.30 -41.08
C ALA E 144 -3.77 7.68 -41.22
N LEU E 145 -3.80 6.38 -41.48
CA LEU E 145 -5.04 5.62 -41.54
C LEU E 145 -4.75 4.22 -41.01
N GLY E 146 -5.81 3.53 -40.61
CA GLY E 146 -5.59 2.22 -40.03
C GLY E 146 -6.88 1.44 -39.85
N CYS E 147 -6.76 0.35 -39.10
CA CYS E 147 -7.87 -0.55 -38.80
C CYS E 147 -7.89 -0.87 -37.32
N LEU E 148 -9.08 -0.85 -36.73
CA LEU E 148 -9.28 -1.19 -35.33
C LEU E 148 -9.75 -2.64 -35.25
N VAL E 149 -8.89 -3.52 -34.75
CA VAL E 149 -9.21 -4.93 -34.60
C VAL E 149 -9.65 -5.16 -33.17
N LYS E 150 -10.94 -5.45 -32.97
CA LYS E 150 -11.56 -5.43 -31.66
C LYS E 150 -12.34 -6.72 -31.40
N ASP E 151 -12.32 -7.15 -30.15
CA ASP E 151 -13.17 -8.22 -29.62
C ASP E 151 -12.86 -9.55 -30.29
N TYR E 152 -11.67 -10.07 -29.97
CA TYR E 152 -11.26 -11.38 -30.44
C TYR E 152 -10.54 -12.13 -29.33
N PHE E 153 -10.51 -13.45 -29.45
CA PHE E 153 -9.91 -14.31 -28.46
C PHE E 153 -9.64 -15.65 -29.10
N PRO E 154 -8.49 -16.28 -28.85
CA PRO E 154 -7.39 -15.67 -28.10
C PRO E 154 -6.38 -14.99 -29.02
N GLU E 155 -5.23 -14.63 -28.45
CA GLU E 155 -4.13 -14.13 -29.25
C GLU E 155 -3.60 -15.22 -30.18
N PRO E 156 -3.02 -14.86 -31.32
CA PRO E 156 -2.93 -13.50 -31.85
C PRO E 156 -3.72 -13.30 -33.14
N VAL E 157 -3.59 -12.11 -33.73
CA VAL E 157 -4.08 -11.83 -35.06
C VAL E 157 -2.92 -11.32 -35.89
N THR E 158 -3.02 -11.50 -37.21
CA THR E 158 -2.04 -10.98 -38.15
C THR E 158 -2.73 -9.93 -39.01
N VAL E 159 -2.08 -8.78 -39.19
CA VAL E 159 -2.64 -7.70 -39.98
C VAL E 159 -1.71 -7.46 -41.17
N SER E 160 -2.28 -7.47 -42.36
CA SER E 160 -1.56 -7.15 -43.58
C SER E 160 -2.26 -5.99 -44.28
N TRP E 161 -1.51 -5.26 -45.09
CA TRP E 161 -2.04 -4.12 -45.83
C TRP E 161 -1.81 -4.34 -47.31
N ASN E 162 -2.91 -4.36 -48.08
CA ASN E 162 -2.88 -4.56 -49.52
C ASN E 162 -2.14 -5.85 -49.89
N SER E 163 -2.56 -6.94 -49.26
CA SER E 163 -2.05 -8.29 -49.51
C SER E 163 -0.55 -8.40 -49.27
N GLY E 164 0.01 -7.50 -48.47
CA GLY E 164 1.44 -7.50 -48.20
C GLY E 164 2.26 -6.53 -49.03
N ALA E 165 1.61 -5.74 -49.89
CA ALA E 165 2.34 -4.79 -50.73
C ALA E 165 2.73 -3.53 -49.94
N LEU E 166 1.88 -3.09 -49.01
CA LEU E 166 2.14 -1.89 -48.24
C LEU E 166 2.71 -2.29 -46.88
N THR E 167 4.02 -2.10 -46.71
CA THR E 167 4.70 -2.50 -45.49
C THR E 167 5.41 -1.34 -44.78
N SER E 168 5.97 -0.39 -45.52
CA SER E 168 6.67 0.72 -44.89
C SER E 168 5.69 1.69 -44.26
N GLY E 169 6.06 2.22 -43.09
CA GLY E 169 5.19 3.12 -42.35
C GLY E 169 4.09 2.46 -41.57
N VAL E 170 4.06 1.13 -41.53
CA VAL E 170 2.99 0.39 -40.86
C VAL E 170 3.39 0.14 -39.41
N HIS E 171 2.45 0.34 -38.49
CA HIS E 171 2.64 0.07 -37.07
C HIS E 171 1.47 -0.78 -36.60
N THR E 172 1.75 -2.03 -36.21
CA THR E 172 0.75 -2.90 -35.59
C THR E 172 1.05 -2.94 -34.10
N PHE E 173 0.25 -2.19 -33.33
CA PHE E 173 0.49 -2.05 -31.90
C PHE E 173 0.25 -3.37 -31.18
N PRO E 174 0.85 -3.54 -29.99
CA PRO E 174 0.52 -4.69 -29.15
C PRO E 174 -0.95 -4.69 -28.78
N ALA E 175 -1.49 -5.88 -28.55
CA ALA E 175 -2.92 -6.03 -28.28
C ALA E 175 -3.19 -5.79 -26.79
N VAL E 176 -4.09 -4.85 -26.50
CA VAL E 176 -4.51 -4.57 -25.15
C VAL E 176 -5.69 -5.49 -24.80
N LEU E 177 -5.94 -5.64 -23.51
CA LEU E 177 -7.04 -6.46 -23.01
C LEU E 177 -8.08 -5.57 -22.36
N GLN E 178 -9.33 -5.75 -22.76
CA GLN E 178 -10.43 -4.91 -22.29
C GLN E 178 -11.09 -5.54 -21.05
N SER E 179 -12.02 -4.77 -20.46
CA SER E 179 -12.74 -5.25 -19.29
C SER E 179 -13.71 -6.37 -19.60
N SER E 180 -13.92 -6.71 -20.88
CA SER E 180 -14.81 -7.79 -21.26
C SER E 180 -14.09 -9.12 -21.42
N GLY E 181 -12.77 -9.14 -21.38
CA GLY E 181 -12.02 -10.37 -21.58
C GLY E 181 -11.57 -10.63 -23.00
N LEU E 182 -11.81 -9.70 -23.92
CA LEU E 182 -11.41 -9.84 -25.30
C LEU E 182 -10.30 -8.85 -25.64
N TYR E 183 -9.46 -9.23 -26.59
CA TYR E 183 -8.32 -8.42 -26.99
C TYR E 183 -8.73 -7.38 -28.02
N SER E 184 -7.98 -6.28 -28.05
CA SER E 184 -8.24 -5.17 -28.96
C SER E 184 -6.90 -4.63 -29.45
N LEU E 185 -6.80 -4.42 -30.76
CA LEU E 185 -5.54 -4.09 -31.40
C LEU E 185 -5.79 -3.06 -32.50
N SER E 186 -4.82 -2.15 -32.66
CA SER E 186 -4.87 -1.15 -33.72
C SER E 186 -3.64 -1.26 -34.60
N SER E 187 -3.84 -1.21 -35.92
CA SER E 187 -2.74 -1.20 -36.88
C SER E 187 -2.89 0.03 -37.77
N VAL E 188 -1.85 0.87 -37.77
CA VAL E 188 -1.90 2.14 -38.49
C VAL E 188 -0.81 2.15 -39.55
N VAL E 189 -0.95 3.08 -40.50
CA VAL E 189 0.02 3.26 -41.56
C VAL E 189 -0.09 4.70 -42.06
N THR E 190 1.06 5.31 -42.28
CA THR E 190 1.13 6.68 -42.79
C THR E 190 1.38 6.63 -44.30
N VAL E 191 0.55 7.35 -45.04
CA VAL E 191 0.67 7.42 -46.50
C VAL E 191 0.63 8.88 -46.91
N PRO E 192 1.18 9.21 -48.09
CA PRO E 192 1.10 10.60 -48.56
C PRO E 192 -0.34 11.01 -48.79
N SER E 193 -0.64 12.27 -48.46
CA SER E 193 -2.01 12.77 -48.60
C SER E 193 -2.45 12.77 -50.07
N SER E 194 -1.51 12.95 -50.99
CA SER E 194 -1.85 12.94 -52.41
C SER E 194 -2.48 11.63 -52.83
N SER E 195 -2.03 10.51 -52.24
CA SER E 195 -2.57 9.20 -52.59
C SER E 195 -4.00 9.00 -52.08
N LEU E 196 -4.45 9.81 -51.14
CA LEU E 196 -5.82 9.66 -50.64
C LEU E 196 -6.81 9.97 -51.76
N GLY E 197 -7.92 9.23 -51.77
CA GLY E 197 -8.91 9.37 -52.83
C GLY E 197 -8.53 8.74 -54.15
N THR E 198 -7.23 8.46 -54.38
CA THR E 198 -6.79 7.82 -55.60
C THR E 198 -6.78 6.31 -55.46
N GLN E 199 -5.75 5.79 -54.79
CA GLN E 199 -5.62 4.35 -54.61
C GLN E 199 -6.44 3.89 -53.40
N THR E 200 -6.62 2.57 -53.30
CA THR E 200 -7.38 1.96 -52.22
C THR E 200 -6.43 1.40 -51.16
N TYR E 201 -6.90 1.39 -49.92
CA TYR E 201 -6.16 0.85 -48.79
C TYR E 201 -7.03 -0.20 -48.11
N ILE E 202 -6.53 -1.43 -48.06
CA ILE E 202 -7.27 -2.56 -47.49
C ILE E 202 -6.37 -3.24 -46.46
N CYS E 203 -6.89 -3.40 -45.25
CA CYS E 203 -6.18 -4.12 -44.20
C CYS E 203 -6.69 -5.55 -44.16
N ASN E 204 -5.76 -6.50 -44.10
CA ASN E 204 -6.07 -7.92 -44.14
C ASN E 204 -5.83 -8.50 -42.75
N VAL E 205 -6.91 -8.72 -42.01
CA VAL E 205 -6.87 -9.24 -40.66
C VAL E 205 -7.15 -10.74 -40.70
N ASN E 206 -6.24 -11.53 -40.15
CA ASN E 206 -6.40 -12.98 -40.13
C ASN E 206 -6.29 -13.46 -38.69
N HIS E 207 -7.32 -14.19 -38.25
CA HIS E 207 -7.38 -14.75 -36.90
C HIS E 207 -7.35 -16.27 -37.03
N LYS E 208 -6.19 -16.86 -36.74
CA LYS E 208 -6.04 -18.31 -36.91
C LYS E 208 -6.93 -19.12 -35.98
N PRO E 209 -7.02 -18.84 -34.67
CA PRO E 209 -7.80 -19.72 -33.80
C PRO E 209 -9.26 -19.89 -34.21
N SER E 210 -9.90 -18.84 -34.72
CA SER E 210 -11.29 -18.93 -35.13
C SER E 210 -11.47 -19.14 -36.62
N ASN E 211 -10.37 -19.28 -37.37
CA ASN E 211 -10.41 -19.45 -38.82
C ASN E 211 -11.20 -18.32 -39.48
N THR E 212 -11.01 -17.11 -39.00
CA THR E 212 -11.69 -15.93 -39.51
C THR E 212 -10.69 -15.04 -40.25
N LYS E 213 -11.03 -14.67 -41.47
CA LYS E 213 -10.26 -13.72 -42.27
C LYS E 213 -11.16 -12.56 -42.64
N VAL E 214 -10.70 -11.34 -42.37
CA VAL E 214 -11.48 -10.13 -42.60
C VAL E 214 -10.64 -9.14 -43.39
N ASP E 215 -11.23 -8.56 -44.43
CA ASP E 215 -10.62 -7.49 -45.20
C ASP E 215 -11.51 -6.26 -45.09
N LYS E 216 -10.90 -5.10 -44.83
CA LYS E 216 -11.64 -3.86 -44.68
C LYS E 216 -10.96 -2.74 -45.45
N LYS E 217 -11.73 -2.04 -46.27
CA LYS E 217 -11.21 -0.90 -47.02
C LYS E 217 -11.30 0.35 -46.16
N VAL E 218 -10.23 1.12 -46.12
CA VAL E 218 -10.14 2.33 -45.32
C VAL E 218 -10.31 3.51 -46.27
N GLU E 219 -11.45 4.21 -46.16
CA GLU E 219 -11.77 5.34 -46.99
C GLU E 219 -11.90 6.61 -46.15
N PRO E 220 -11.43 7.76 -46.65
CA PRO E 220 -11.50 9.04 -45.94
C PRO E 220 -12.93 9.49 -45.66
N GLU F 1 14.84 -13.63 1.26
CA GLU F 1 15.91 -13.48 2.24
C GLU F 1 17.00 -12.55 1.73
N ILE F 2 17.20 -12.56 0.40
CA ILE F 2 18.16 -11.69 -0.26
C ILE F 2 17.44 -11.02 -1.43
N VAL F 3 17.20 -9.72 -1.31
CA VAL F 3 16.51 -8.95 -2.34
C VAL F 3 17.54 -8.32 -3.26
N LEU F 4 17.28 -8.38 -4.56
CA LEU F 4 18.15 -7.80 -5.58
C LEU F 4 17.46 -6.58 -6.17
N THR F 5 18.15 -5.44 -6.11
CA THR F 5 17.63 -4.17 -6.61
C THR F 5 18.56 -3.65 -7.67
N GLN F 6 18.05 -3.46 -8.88
CA GLN F 6 18.86 -3.02 -10.01
C GLN F 6 18.68 -1.53 -10.24
N SER F 7 19.72 -0.89 -10.77
CA SER F 7 19.69 0.54 -10.98
C SER F 7 20.52 0.87 -12.21
N PRO F 8 20.03 1.75 -13.10
CA PRO F 8 18.69 2.31 -13.01
C PRO F 8 17.68 1.47 -13.79
N ALA F 9 16.40 1.82 -13.69
CA ALA F 9 15.36 1.05 -14.34
C ALA F 9 15.46 1.15 -15.86
N ILE F 10 15.73 2.35 -16.38
CA ILE F 10 15.78 2.60 -17.81
C ILE F 10 17.05 3.38 -18.13
N MET F 11 17.72 3.00 -19.22
CA MET F 11 19.00 3.57 -19.61
C MET F 11 18.99 3.90 -21.09
N SER F 12 19.27 5.15 -21.43
CA SER F 12 19.40 5.60 -22.82
C SER F 12 20.87 5.81 -23.14
N ALA F 13 21.40 5.02 -24.05
CA ALA F 13 22.83 5.04 -24.36
C ALA F 13 23.02 5.25 -25.85
N SER F 14 23.85 6.23 -26.21
CA SER F 14 24.16 6.50 -27.60
C SER F 14 25.16 5.48 -28.13
N PRO F 15 25.24 5.30 -29.45
CA PRO F 15 26.25 4.39 -30.01
C PRO F 15 27.65 4.83 -29.62
N GLY F 16 28.45 3.87 -29.15
CA GLY F 16 29.82 4.12 -28.74
C GLY F 16 29.97 4.59 -27.30
N GLU F 17 28.88 5.00 -26.65
CA GLU F 17 28.97 5.50 -25.28
C GLU F 17 29.26 4.36 -24.32
N ARG F 18 29.90 4.69 -23.20
CA ARG F 18 30.11 3.73 -22.13
C ARG F 18 28.81 3.52 -21.37
N VAL F 19 28.54 2.27 -21.00
CA VAL F 19 27.32 1.90 -20.30
C VAL F 19 27.70 1.11 -19.05
N THR F 20 27.15 1.52 -17.91
CA THR F 20 27.37 0.81 -16.65
C THR F 20 26.04 0.75 -15.92
N MET F 21 25.58 -0.45 -15.61
CA MET F 21 24.39 -0.67 -14.79
C MET F 21 24.79 -1.42 -13.52
N THR F 22 24.00 -1.25 -12.46
CA THR F 22 24.36 -1.78 -11.16
C THR F 22 23.28 -2.69 -10.61
N CYS F 23 23.70 -3.62 -9.76
CA CYS F 23 22.82 -4.61 -9.13
C CYS F 23 23.29 -4.78 -7.70
N SER F 24 22.49 -4.33 -6.74
CA SER F 24 22.84 -4.36 -5.33
C SER F 24 21.97 -5.37 -4.59
N ALA F 25 22.60 -6.11 -3.69
CA ALA F 25 21.93 -7.11 -2.87
C ALA F 25 21.76 -6.59 -1.45
N SER F 26 20.69 -7.01 -0.79
CA SER F 26 20.42 -6.58 0.58
C SER F 26 21.38 -7.21 1.59
N SER F 27 22.15 -8.21 1.18
CA SER F 27 23.15 -8.82 2.03
C SER F 27 24.32 -9.25 1.16
N GLY F 28 25.40 -9.67 1.80
CA GLY F 28 26.58 -10.08 1.06
C GLY F 28 26.38 -11.41 0.36
N VAL F 29 26.96 -11.52 -0.84
CA VAL F 29 26.95 -12.74 -1.64
C VAL F 29 28.30 -12.90 -2.31
N ASN F 30 28.54 -14.10 -2.85
CA ASN F 30 29.84 -14.42 -3.44
C ASN F 30 29.95 -13.98 -4.90
N TYR F 31 28.86 -14.03 -5.66
CA TYR F 31 28.93 -13.82 -7.09
C TYR F 31 27.58 -13.29 -7.56
N MET F 32 27.47 -13.07 -8.88
CA MET F 32 26.22 -12.60 -9.45
C MET F 32 26.17 -12.93 -10.93
N HIS F 33 25.02 -13.40 -11.41
CA HIS F 33 24.81 -13.70 -12.81
C HIS F 33 23.97 -12.59 -13.44
N TRP F 34 24.14 -12.40 -14.75
CA TRP F 34 23.38 -11.44 -15.52
C TRP F 34 22.74 -12.14 -16.71
N TYR F 35 21.46 -11.86 -16.95
CA TYR F 35 20.71 -12.47 -18.04
C TYR F 35 20.23 -11.39 -19.00
N GLN F 36 20.24 -11.70 -20.29
CA GLN F 36 19.74 -10.80 -21.32
C GLN F 36 18.39 -11.29 -21.83
N GLN F 37 17.43 -10.39 -21.94
CA GLN F 37 16.14 -10.72 -22.54
C GLN F 37 15.73 -9.59 -23.47
N LYS F 38 15.58 -9.91 -24.75
CA LYS F 38 15.03 -8.99 -25.71
C LYS F 38 13.54 -9.23 -25.86
N PRO F 39 12.78 -8.25 -26.36
CA PRO F 39 11.32 -8.43 -26.45
C PRO F 39 10.95 -9.61 -27.34
N GLY F 40 9.99 -10.40 -26.89
CA GLY F 40 9.53 -11.57 -27.62
C GLY F 40 10.40 -12.81 -27.49
N THR F 41 11.62 -12.68 -27.00
CA THR F 41 12.53 -13.83 -26.87
C THR F 41 12.71 -14.21 -25.42
N SER F 42 13.15 -15.44 -25.21
CA SER F 42 13.42 -15.96 -23.88
C SER F 42 14.73 -15.39 -23.34
N PRO F 43 14.87 -15.27 -22.03
CA PRO F 43 16.13 -14.79 -21.45
C PRO F 43 17.29 -15.72 -21.78
N ARG F 44 18.49 -15.15 -21.83
CA ARG F 44 19.71 -15.91 -22.10
C ARG F 44 20.76 -15.59 -21.05
N ARG F 45 21.52 -16.60 -20.67
CA ARG F 45 22.70 -16.39 -19.84
C ARG F 45 23.70 -15.50 -20.58
N TRP F 46 24.15 -14.44 -19.93
CA TRP F 46 24.98 -13.42 -20.55
C TRP F 46 26.30 -13.23 -19.83
N ILE F 47 26.26 -13.10 -18.50
CA ILE F 47 27.46 -13.02 -17.68
C ILE F 47 27.16 -13.85 -16.44
N TYR F 48 27.90 -14.93 -16.25
CA TYR F 48 27.75 -15.76 -15.07
C TYR F 48 29.02 -15.69 -14.24
N ASP F 49 28.87 -16.03 -12.95
CA ASP F 49 29.97 -15.95 -11.98
C ASP F 49 30.64 -14.59 -12.04
N THR F 50 29.81 -13.54 -11.91
CA THR F 50 30.25 -12.15 -11.80
C THR F 50 30.85 -11.62 -13.10
N SER F 51 31.84 -12.32 -13.67
CA SER F 51 32.58 -11.75 -14.79
C SER F 51 32.83 -12.70 -15.95
N LYS F 52 32.35 -13.94 -15.92
CA LYS F 52 32.53 -14.85 -17.04
C LYS F 52 31.50 -14.54 -18.13
N LEU F 53 31.97 -14.29 -19.35
CA LEU F 53 31.08 -14.00 -20.46
C LEU F 53 30.59 -15.29 -21.09
N ALA F 54 29.28 -15.43 -21.24
CA ALA F 54 28.71 -16.61 -21.85
C ALA F 54 29.08 -16.67 -23.34
N SER F 55 28.77 -17.81 -23.96
CA SER F 55 29.14 -18.02 -25.35
C SER F 55 28.42 -17.04 -26.25
N GLY F 56 29.17 -16.40 -27.15
CA GLY F 56 28.64 -15.43 -28.07
C GLY F 56 28.57 -14.00 -27.54
N VAL F 57 28.83 -13.79 -26.26
CA VAL F 57 28.72 -12.44 -25.70
C VAL F 57 29.93 -11.63 -26.12
N PRO F 58 29.74 -10.44 -26.71
CA PRO F 58 30.88 -9.68 -27.24
C PRO F 58 31.87 -9.28 -26.15
N ALA F 59 33.10 -8.99 -26.58
CA ALA F 59 34.15 -8.62 -25.65
C ALA F 59 33.90 -7.28 -24.99
N ARG F 60 33.07 -6.42 -25.58
CA ARG F 60 32.78 -5.12 -24.99
C ARG F 60 31.94 -5.22 -23.72
N PHE F 61 31.45 -6.41 -23.38
CA PHE F 61 30.66 -6.61 -22.17
C PHE F 61 31.57 -7.03 -21.03
N SER F 62 31.31 -6.45 -19.86
CA SER F 62 32.18 -6.54 -18.70
C SER F 62 31.32 -6.80 -17.46
N GLY F 63 31.78 -7.70 -16.60
CA GLY F 63 31.14 -7.94 -15.32
C GLY F 63 32.12 -7.72 -14.18
N SER F 64 31.61 -7.22 -13.06
CA SER F 64 32.44 -6.94 -11.90
C SER F 64 31.55 -6.74 -10.67
N GLY F 65 32.13 -6.99 -9.51
CA GLY F 65 31.41 -6.79 -8.27
C GLY F 65 32.04 -7.56 -7.14
N SER F 66 31.55 -7.27 -5.93
CA SER F 66 31.99 -7.92 -4.70
C SER F 66 31.05 -7.54 -3.58
N GLY F 67 30.87 -8.45 -2.64
CA GLY F 67 30.05 -8.19 -1.47
C GLY F 67 28.58 -8.00 -1.80
N THR F 68 28.13 -6.75 -1.84
CA THR F 68 26.73 -6.43 -2.09
C THR F 68 26.52 -5.57 -3.33
N ASP F 69 27.58 -5.21 -4.05
CA ASP F 69 27.47 -4.32 -5.20
C ASP F 69 28.11 -4.97 -6.42
N TYR F 70 27.29 -5.23 -7.44
CA TYR F 70 27.75 -5.85 -8.67
C TYR F 70 27.31 -4.99 -9.84
N SER F 71 28.04 -5.10 -10.95
CA SER F 71 27.83 -4.19 -12.06
C SER F 71 28.04 -4.93 -13.37
N LEU F 72 27.45 -4.37 -14.43
CA LEU F 72 27.62 -4.82 -15.80
C LEU F 72 28.06 -3.62 -16.61
N THR F 73 29.08 -3.80 -17.44
CA THR F 73 29.68 -2.68 -18.15
C THR F 73 29.75 -3.00 -19.64
N ILE F 74 29.42 -1.99 -20.45
CA ILE F 74 29.62 -2.01 -21.89
C ILE F 74 30.54 -0.85 -22.23
N SER F 75 31.73 -1.15 -22.75
CA SER F 75 32.71 -0.11 -23.01
C SER F 75 32.29 0.78 -24.18
N SER F 76 31.67 0.20 -25.20
CA SER F 76 31.21 0.94 -26.36
C SER F 76 29.82 0.45 -26.74
N MET F 77 28.80 1.27 -26.49
CA MET F 77 27.43 0.85 -26.73
C MET F 77 27.18 0.63 -28.23
N GLU F 78 26.57 -0.51 -28.55
CA GLU F 78 26.16 -0.83 -29.90
C GLU F 78 24.64 -0.99 -29.96
N PRO F 79 24.03 -0.79 -31.13
CA PRO F 79 22.56 -0.96 -31.22
C PRO F 79 22.08 -2.37 -30.97
N GLU F 80 22.94 -3.38 -31.16
CA GLU F 80 22.56 -4.76 -30.90
C GLU F 80 22.47 -5.07 -29.42
N ASP F 81 23.01 -4.21 -28.56
CA ASP F 81 22.98 -4.44 -27.12
C ASP F 81 21.68 -4.01 -26.47
N ALA F 82 20.77 -3.38 -27.22
CA ALA F 82 19.50 -2.91 -26.66
C ALA F 82 18.67 -4.11 -26.23
N ALA F 83 18.41 -4.20 -24.92
CA ALA F 83 17.67 -5.30 -24.33
C ALA F 83 17.41 -4.95 -22.87
N THR F 84 16.89 -5.92 -22.12
CA THR F 84 16.71 -5.78 -20.68
C THR F 84 17.61 -6.80 -19.98
N TYR F 85 18.38 -6.33 -19.02
CA TYR F 85 19.34 -7.17 -18.30
C TYR F 85 18.85 -7.41 -16.88
N TYR F 86 18.81 -8.67 -16.48
CA TYR F 86 18.41 -9.06 -15.14
C TYR F 86 19.60 -9.68 -14.42
N CYS F 87 19.75 -9.36 -13.14
CA CYS F 87 20.74 -10.00 -12.31
C CYS F 87 20.06 -11.00 -11.37
N HIS F 88 20.76 -12.09 -11.06
CA HIS F 88 20.18 -13.11 -10.20
C HIS F 88 21.28 -14.00 -9.63
N GLN F 89 20.95 -14.65 -8.53
CA GLN F 89 21.84 -15.62 -7.91
C GLN F 89 20.99 -16.60 -7.09
N ARG F 90 21.53 -17.81 -6.92
CA ARG F 90 20.87 -18.82 -6.10
C ARG F 90 20.51 -18.27 -4.71
N GLY F 91 21.38 -17.46 -4.13
CA GLY F 91 21.14 -16.95 -2.79
C GLY F 91 19.92 -16.05 -2.70
N SER F 92 19.53 -15.44 -3.82
CA SER F 92 18.36 -14.59 -3.84
C SER F 92 17.11 -15.41 -4.15
N TYR F 93 15.98 -14.98 -3.60
CA TYR F 93 14.73 -15.69 -3.83
C TYR F 93 14.07 -15.35 -5.16
N THR F 94 14.53 -14.31 -5.85
CA THR F 94 13.95 -13.96 -7.15
C THR F 94 14.89 -13.02 -7.88
N PHE F 95 14.52 -12.69 -9.12
CA PHE F 95 15.35 -11.85 -9.97
C PHE F 95 15.29 -10.39 -9.52
N GLY F 96 16.28 -9.62 -9.97
CA GLY F 96 16.21 -8.19 -9.83
C GLY F 96 15.15 -7.61 -10.74
N GLY F 97 14.86 -6.31 -10.55
CA GLY F 97 13.83 -5.66 -11.33
C GLY F 97 14.16 -5.46 -12.79
N GLY F 98 15.43 -5.64 -13.15
CA GLY F 98 15.87 -5.48 -14.54
C GLY F 98 16.22 -4.05 -14.87
N THR F 99 17.07 -3.90 -15.89
CA THR F 99 17.47 -2.59 -16.42
C THR F 99 17.24 -2.62 -17.92
N LYS F 100 16.31 -1.81 -18.40
CA LYS F 100 16.01 -1.77 -19.83
C LYS F 100 17.00 -0.82 -20.50
N LEU F 101 17.89 -1.38 -21.31
CA LEU F 101 18.90 -0.58 -22.00
C LEU F 101 18.42 -0.30 -23.42
N GLU F 102 18.11 0.96 -23.69
CA GLU F 102 17.58 1.37 -24.98
C GLU F 102 18.61 2.19 -25.77
N ILE F 103 18.42 2.22 -27.08
CA ILE F 103 19.27 3.00 -27.97
C ILE F 103 18.86 4.47 -27.88
N LYS F 104 19.83 5.34 -27.65
CA LYS F 104 19.59 6.77 -27.57
C LYS F 104 19.73 7.40 -28.95
N ARG F 105 18.87 8.37 -29.24
CA ARG F 105 18.90 9.06 -30.52
C ARG F 105 18.49 10.52 -30.30
N THR F 106 18.36 11.27 -31.38
CA THR F 106 17.96 12.67 -31.30
C THR F 106 16.46 12.78 -31.01
N VAL F 107 16.09 13.90 -30.39
CA VAL F 107 14.69 14.13 -30.03
C VAL F 107 13.85 14.27 -31.29
N ALA F 108 12.72 13.54 -31.31
CA ALA F 108 11.74 13.65 -32.39
C ALA F 108 10.37 13.80 -31.75
N ALA F 109 9.70 14.92 -32.04
CA ALA F 109 8.40 15.16 -31.47
C ALA F 109 7.36 14.26 -32.13
N PRO F 110 6.36 13.81 -31.39
CA PRO F 110 5.36 12.90 -31.96
C PRO F 110 4.48 13.58 -32.98
N SER F 111 4.04 12.80 -33.96
CA SER F 111 3.00 13.20 -34.91
C SER F 111 1.68 12.66 -34.40
N VAL F 112 0.70 13.55 -34.22
CA VAL F 112 -0.55 13.21 -33.55
C VAL F 112 -1.65 13.10 -34.60
N PHE F 113 -2.43 12.02 -34.53
CA PHE F 113 -3.57 11.80 -35.41
C PHE F 113 -4.75 11.31 -34.56
N ILE F 114 -5.95 11.77 -34.90
CA ILE F 114 -7.17 11.39 -34.19
C ILE F 114 -8.12 10.75 -35.19
N PHE F 115 -8.84 9.72 -34.74
CA PHE F 115 -9.76 8.96 -35.58
C PHE F 115 -11.11 8.84 -34.88
N PRO F 116 -12.20 9.34 -35.46
CA PRO F 116 -13.53 9.17 -34.86
C PRO F 116 -14.01 7.74 -35.01
N PRO F 117 -14.95 7.30 -34.18
CA PRO F 117 -15.48 5.94 -34.34
C PRO F 117 -16.18 5.78 -35.68
N SER F 118 -16.01 4.60 -36.28
CA SER F 118 -16.59 4.33 -37.58
C SER F 118 -18.11 4.25 -37.49
N ASP F 119 -18.76 4.37 -38.65
CA ASP F 119 -20.22 4.31 -38.68
C ASP F 119 -20.74 2.92 -38.34
N GLU F 120 -20.09 1.87 -38.87
CA GLU F 120 -20.56 0.52 -38.60
C GLU F 120 -20.34 0.12 -37.14
N GLN F 121 -19.30 0.65 -36.49
CA GLN F 121 -19.12 0.38 -35.07
C GLN F 121 -20.19 1.10 -34.26
N LEU F 122 -20.56 2.31 -34.67
CA LEU F 122 -21.65 3.02 -34.02
C LEU F 122 -22.99 2.31 -34.16
N LYS F 123 -23.12 1.43 -35.16
CA LYS F 123 -24.33 0.63 -35.30
C LYS F 123 -24.55 -0.31 -34.10
N SER F 124 -23.48 -0.63 -33.37
CA SER F 124 -23.58 -1.34 -32.10
C SER F 124 -23.57 -0.31 -30.97
N GLY F 125 -23.35 -0.78 -29.75
CA GLY F 125 -23.39 0.10 -28.59
C GLY F 125 -22.02 0.47 -28.05
N THR F 126 -21.06 0.75 -28.92
CA THR F 126 -19.72 1.09 -28.50
C THR F 126 -19.10 2.05 -29.51
N ALA F 127 -18.39 3.06 -28.98
CA ALA F 127 -17.73 4.06 -29.81
C ALA F 127 -16.29 4.22 -29.34
N SER F 128 -15.35 3.76 -30.15
CA SER F 128 -13.92 3.82 -29.85
C SER F 128 -13.29 5.00 -30.56
N VAL F 129 -12.64 5.87 -29.79
CA VAL F 129 -11.91 7.02 -30.33
C VAL F 129 -10.42 6.77 -30.13
N VAL F 130 -9.64 6.92 -31.20
CA VAL F 130 -8.24 6.50 -31.22
C VAL F 130 -7.37 7.73 -31.50
N CYS F 131 -6.35 7.91 -30.67
CA CYS F 131 -5.34 8.95 -30.87
C CYS F 131 -4.00 8.27 -31.13
N LEU F 132 -3.35 8.66 -32.22
CA LEU F 132 -2.08 8.07 -32.63
C LEU F 132 -0.95 9.04 -32.36
N LEU F 133 0.13 8.53 -31.76
CA LEU F 133 1.38 9.27 -31.57
C LEU F 133 2.46 8.49 -32.32
N ASN F 134 2.99 9.06 -33.39
CA ASN F 134 3.80 8.33 -34.35
C ASN F 134 5.26 8.76 -34.27
N ASN F 135 6.15 7.77 -34.08
CA ASN F 135 7.59 7.93 -34.24
C ASN F 135 8.16 9.08 -33.41
N PHE F 136 8.22 8.90 -32.10
CA PHE F 136 8.74 9.92 -31.20
C PHE F 136 9.80 9.33 -30.29
N TYR F 137 10.68 10.20 -29.80
CA TYR F 137 11.73 9.82 -28.86
C TYR F 137 12.11 11.06 -28.08
N PRO F 138 12.24 10.98 -26.74
CA PRO F 138 12.19 9.75 -25.93
C PRO F 138 10.79 9.19 -25.68
N ARG F 139 10.74 8.13 -24.87
CA ARG F 139 9.51 7.41 -24.61
C ARG F 139 8.49 8.25 -23.84
N GLU F 140 8.96 9.16 -22.99
CA GLU F 140 8.08 9.85 -22.05
C GLU F 140 7.11 10.76 -22.80
N ALA F 141 5.82 10.62 -22.49
CA ALA F 141 4.77 11.39 -23.16
C ALA F 141 3.52 11.32 -22.30
N LYS F 142 2.62 12.28 -22.53
CA LYS F 142 1.37 12.36 -21.79
C LYS F 142 0.23 12.58 -22.78
N VAL F 143 -0.78 11.72 -22.72
CA VAL F 143 -1.94 11.81 -23.59
C VAL F 143 -3.17 12.07 -22.73
N GLN F 144 -3.82 13.20 -22.93
CA GLN F 144 -5.03 13.57 -22.22
C GLN F 144 -6.21 13.57 -23.18
N TRP F 145 -7.33 13.02 -22.74
CA TRP F 145 -8.56 12.98 -23.52
C TRP F 145 -9.52 14.05 -23.00
N LYS F 146 -9.90 14.98 -23.89
CA LYS F 146 -10.83 16.05 -23.56
C LYS F 146 -12.05 15.96 -24.48
N VAL F 147 -13.22 15.78 -23.87
CA VAL F 147 -14.49 15.76 -24.60
C VAL F 147 -15.39 16.84 -24.01
N ASP F 148 -15.68 17.88 -24.80
CA ASP F 148 -16.35 19.07 -24.31
C ASP F 148 -15.57 19.69 -23.14
N ASN F 149 -14.25 19.77 -23.31
CA ASN F 149 -13.26 20.20 -22.32
C ASN F 149 -13.31 19.42 -21.01
N ALA F 150 -14.07 18.33 -20.92
CA ALA F 150 -14.08 17.56 -19.69
C ALA F 150 -12.90 16.58 -19.70
N LEU F 151 -12.10 16.62 -18.64
CA LEU F 151 -10.96 15.72 -18.53
C LEU F 151 -11.43 14.30 -18.30
N GLN F 152 -10.97 13.38 -19.16
CA GLN F 152 -11.36 11.98 -19.05
C GLN F 152 -10.35 11.21 -18.20
N SER F 153 -10.86 10.18 -17.53
CA SER F 153 -10.02 9.36 -16.64
C SER F 153 -10.66 7.99 -16.50
N GLY F 154 -9.83 6.94 -16.60
CA GLY F 154 -10.29 5.60 -16.38
C GLY F 154 -11.12 4.99 -17.51
N ASN F 155 -11.14 5.62 -18.68
CA ASN F 155 -11.87 5.09 -19.83
C ASN F 155 -11.01 5.11 -21.09
N SER F 156 -9.72 4.87 -20.94
CA SER F 156 -8.80 4.86 -22.07
C SER F 156 -7.68 3.87 -21.81
N GLN F 157 -7.33 3.10 -22.85
CA GLN F 157 -6.25 2.13 -22.79
C GLN F 157 -5.17 2.51 -23.80
N GLU F 158 -3.91 2.40 -23.37
CA GLU F 158 -2.77 2.78 -24.19
C GLU F 158 -1.95 1.56 -24.59
N SER F 159 -1.29 1.67 -25.75
CA SER F 159 -0.44 0.63 -26.29
C SER F 159 0.77 1.28 -26.94
N VAL F 160 1.97 0.77 -26.62
CA VAL F 160 3.22 1.35 -27.09
C VAL F 160 4.04 0.26 -27.75
N THR F 161 4.51 0.53 -28.97
CA THR F 161 5.36 -0.43 -29.66
C THR F 161 6.77 -0.41 -29.05
N GLU F 162 7.53 -1.47 -29.35
CA GLU F 162 8.93 -1.50 -28.99
C GLU F 162 9.69 -0.49 -29.85
N GLN F 163 10.95 -0.26 -29.48
CA GLN F 163 11.78 0.67 -30.23
C GLN F 163 11.98 0.18 -31.66
N ASP F 164 11.73 1.06 -32.62
CA ASP F 164 11.80 0.69 -34.03
C ASP F 164 13.22 0.34 -34.45
N SER F 165 13.33 -0.61 -35.38
CA SER F 165 14.64 -1.08 -35.83
C SER F 165 15.38 -0.02 -36.63
N LYS F 166 14.67 0.74 -37.46
CA LYS F 166 15.34 1.64 -38.40
C LYS F 166 15.64 3.00 -37.77
N ASP F 167 14.63 3.66 -37.20
CA ASP F 167 14.77 5.01 -36.70
C ASP F 167 14.83 5.10 -35.17
N SER F 168 14.68 3.98 -34.47
CA SER F 168 14.83 3.92 -33.01
C SER F 168 13.82 4.82 -32.29
N THR F 169 12.58 4.85 -32.79
CA THR F 169 11.55 5.67 -32.19
C THR F 169 10.45 4.80 -31.60
N TYR F 170 9.52 5.45 -30.91
CA TYR F 170 8.37 4.81 -30.29
C TYR F 170 7.09 5.29 -30.95
N SER F 171 6.06 4.45 -30.90
CA SER F 171 4.72 4.80 -31.35
C SER F 171 3.71 4.43 -30.27
N LEU F 172 2.69 5.27 -30.11
CA LEU F 172 1.71 5.09 -29.04
C LEU F 172 0.32 5.36 -29.61
N SER F 173 -0.62 4.48 -29.26
CA SER F 173 -2.02 4.62 -29.64
C SER F 173 -2.88 4.53 -28.39
N SER F 174 -3.76 5.50 -28.21
CA SER F 174 -4.64 5.56 -27.05
C SER F 174 -6.08 5.45 -27.54
N THR F 175 -6.84 4.53 -26.94
CA THR F 175 -8.21 4.24 -27.37
C THR F 175 -9.19 4.65 -26.28
N LEU F 176 -10.07 5.61 -26.59
CA LEU F 176 -11.13 6.04 -25.69
C LEU F 176 -12.37 5.19 -25.95
N THR F 177 -12.82 4.47 -24.93
CA THR F 177 -13.97 3.56 -25.05
C THR F 177 -15.17 4.17 -24.34
N LEU F 178 -16.21 4.50 -25.12
CA LEU F 178 -17.44 5.07 -24.61
C LEU F 178 -18.63 4.48 -25.34
N SER F 179 -19.74 4.36 -24.63
CA SER F 179 -20.96 3.80 -25.23
C SER F 179 -21.50 4.75 -26.31
N LYS F 180 -22.39 4.21 -27.14
CA LYS F 180 -22.98 5.02 -28.20
C LYS F 180 -23.84 6.13 -27.62
N ALA F 181 -24.53 5.86 -26.50
CA ALA F 181 -25.35 6.88 -25.88
C ALA F 181 -24.50 8.03 -25.35
N ASP F 182 -23.42 7.71 -24.64
CA ASP F 182 -22.53 8.75 -24.13
C ASP F 182 -21.79 9.46 -25.25
N TYR F 183 -21.57 8.78 -26.38
CA TYR F 183 -20.82 9.39 -27.48
C TYR F 183 -21.61 10.51 -28.14
N GLU F 184 -22.86 10.26 -28.50
CA GLU F 184 -23.67 11.27 -29.16
C GLU F 184 -24.19 12.33 -28.19
N LYS F 185 -24.01 12.14 -26.89
CA LYS F 185 -24.35 13.19 -25.93
C LYS F 185 -23.48 14.41 -26.12
N HIS F 186 -22.20 14.22 -26.43
CA HIS F 186 -21.23 15.30 -26.55
C HIS F 186 -20.91 15.57 -28.02
N LYS F 187 -20.18 16.65 -28.25
CA LYS F 187 -19.91 17.14 -29.60
C LYS F 187 -18.45 17.03 -30.00
N VAL F 188 -17.54 17.65 -29.24
CA VAL F 188 -16.14 17.77 -29.63
C VAL F 188 -15.32 16.78 -28.82
N TYR F 189 -14.49 16.00 -29.52
CA TYR F 189 -13.57 15.06 -28.91
C TYR F 189 -12.15 15.43 -29.28
N ALA F 190 -11.25 15.38 -28.32
CA ALA F 190 -9.87 15.81 -28.56
C ALA F 190 -8.92 15.03 -27.67
N CYS F 191 -7.71 14.80 -28.18
CA CYS F 191 -6.60 14.29 -27.38
C CYS F 191 -5.49 15.32 -27.37
N GLU F 192 -4.96 15.60 -26.18
CA GLU F 192 -3.90 16.58 -25.99
C GLU F 192 -2.60 15.83 -25.69
N VAL F 193 -1.58 16.10 -26.50
CA VAL F 193 -0.33 15.36 -26.46
C VAL F 193 0.78 16.28 -25.97
N THR F 194 1.51 15.83 -24.95
CA THR F 194 2.65 16.57 -24.41
C THR F 194 3.89 15.71 -24.50
N HIS F 195 5.00 16.33 -24.90
CA HIS F 195 6.27 15.63 -25.09
C HIS F 195 7.39 16.66 -25.01
N GLN F 196 8.57 16.21 -24.61
CA GLN F 196 9.69 17.13 -24.39
C GLN F 196 10.14 17.80 -25.68
N GLY F 197 9.84 17.22 -26.83
CA GLY F 197 10.11 17.89 -28.09
C GLY F 197 9.09 18.95 -28.49
N LEU F 198 8.00 19.07 -27.73
CA LEU F 198 6.92 20.00 -28.03
C LEU F 198 6.87 21.06 -26.93
N SER F 199 7.21 22.31 -27.29
CA SER F 199 7.11 23.39 -26.32
C SER F 199 5.65 23.72 -26.01
N SER F 200 4.75 23.49 -26.96
CA SER F 200 3.33 23.66 -26.73
C SER F 200 2.62 22.35 -27.01
N PRO F 201 1.58 22.02 -26.24
CA PRO F 201 0.87 20.75 -26.46
C PRO F 201 0.16 20.75 -27.81
N VAL F 202 0.23 19.62 -28.49
CA VAL F 202 -0.46 19.43 -29.76
C VAL F 202 -1.81 18.80 -29.50
N THR F 203 -2.87 19.43 -30.00
CA THR F 203 -4.24 18.98 -29.79
C THR F 203 -4.85 18.63 -31.13
N LYS F 204 -5.37 17.41 -31.24
CA LYS F 204 -6.15 16.99 -32.40
C LYS F 204 -7.59 16.77 -31.95
N SER F 205 -8.54 17.30 -32.71
CA SER F 205 -9.93 17.27 -32.33
C SER F 205 -10.81 17.09 -33.54
N PHE F 206 -12.06 16.69 -33.29
CA PHE F 206 -13.09 16.60 -34.32
C PHE F 206 -14.44 16.85 -33.67
N ASN F 207 -15.44 17.08 -34.51
CA ASN F 207 -16.82 17.19 -34.07
C ASN F 207 -17.64 16.11 -34.74
N ARG F 208 -18.70 15.66 -34.06
CA ARG F 208 -19.58 14.67 -34.65
C ARG F 208 -20.27 15.24 -35.88
N GLY F 209 -20.32 14.44 -36.94
CA GLY F 209 -20.91 14.86 -38.19
C GLY F 209 -19.96 15.66 -39.07
C1 GOL G . 7.33 -11.90 1.88
O1 GOL G . 6.31 -12.82 1.64
C2 GOL G . 8.57 -12.33 1.02
O2 GOL G . 8.31 -12.22 -0.34
C3 GOL G . 9.71 -11.38 1.47
O3 GOL G . 10.91 -11.92 1.00
C1 GOL H . -14.00 6.92 28.66
O1 GOL H . -15.21 6.69 29.32
C2 GOL H . -13.23 5.58 28.57
O2 GOL H . -12.01 5.72 27.93
C3 GOL H . -13.05 5.13 30.03
O3 GOL H . -12.30 3.95 30.00
#